data_6OJD
#
_entry.id   6OJD
#
_cell.length_a   73.680
_cell.length_b   78.560
_cell.length_c   146.890
_cell.angle_alpha   90.00
_cell.angle_beta   90.00
_cell.angle_gamma   90.00
#
_symmetry.space_group_name_H-M   'P 21 21 21'
#
loop_
_entity.id
_entity.type
_entity.pdbx_description
1 polymer NocB
2 non-polymer GLYCEROL
3 non-polymer '(R)-[(S)-[(3S)-3-{[(2R)-2-amino-2-(4-hydroxyphenyl)acetyl]amino}-2-oxoazetidin-1-yl](4-hydroxyphenyl)methyl]methylphosphinic acid'
4 non-polymer 'CALCIUM ION'
5 water water
#
_entity_poly.entity_id   1
_entity_poly.type   'polypeptide(L)'
_entity_poly.pdbx_seq_one_letter_code
;MGSSHHHHHHSSGLVPRGSHMVEGSGSAYVHTLNPEATGGALVLVHPGEGLALPYHGLAPLLPDVRLHVLSDPRFGQSDN
RFATLAEMATRYVEWVRTTEPEGPYRLGGWSFGGVVALEMASQMTAHGDEVSDLLLVDSHNLNAAPRTGDPREGVRQRLV
ELGVDPDSPEGVDVVEELLHNGALAAQYAPPAYRGRVSLLVTPTDGDRDAVRARGWDRALLPDLVVEPVPGAHERLFDEE
HLSDTADAIRRALGGER
;
_entity_poly.pdbx_strand_id   A,B,C,D
#
loop_
_chem_comp.id
_chem_comp.type
_chem_comp.name
_chem_comp.formula
CA non-polymer 'CALCIUM ION' 'Ca 2'
GOL non-polymer GLYCEROL 'C3 H8 O3'
MUY non-polymer '(R)-[(S)-[(3S)-3-{[(2R)-2-amino-2-(4-hydroxyphenyl)acetyl]amino}-2-oxoazetidin-1-yl](4-hydroxyphenyl)methyl]methylphosphinic acid' 'C19 H22 N3 O6 P'
#
# COMPACT_ATOMS: atom_id res chain seq x y z
N ALA A 28 5.60 -31.05 -16.99
CA ALA A 28 6.84 -30.45 -17.46
C ALA A 28 7.21 -29.25 -16.60
N TYR A 29 6.24 -28.38 -16.36
CA TYR A 29 6.42 -27.18 -15.55
C TYR A 29 5.47 -27.11 -14.38
N VAL A 30 4.60 -28.10 -14.20
CA VAL A 30 3.75 -28.23 -13.02
C VAL A 30 4.21 -29.47 -12.27
N HIS A 31 4.72 -29.28 -11.06
CA HIS A 31 5.16 -30.39 -10.21
C HIS A 31 4.29 -30.47 -8.97
N THR A 32 3.94 -31.67 -8.57
CA THR A 32 3.11 -31.87 -7.38
C THR A 32 3.90 -32.60 -6.31
N LEU A 33 4.03 -31.98 -5.15
CA LEU A 33 4.62 -32.56 -3.95
C LEU A 33 3.51 -33.08 -3.02
N ASN A 34 3.82 -34.14 -2.28
CA ASN A 34 2.85 -34.80 -1.41
C ASN A 34 1.59 -35.15 -2.21
N PRO A 35 1.74 -35.83 -3.36
CA PRO A 35 0.57 -36.04 -4.23
C PRO A 35 -0.51 -36.93 -3.61
N GLU A 36 -0.15 -37.77 -2.64
CA GLU A 36 -1.11 -38.67 -1.99
C GLU A 36 -1.77 -38.03 -0.78
N ALA A 37 -1.46 -36.77 -0.48
CA ALA A 37 -2.02 -36.12 0.69
C ALA A 37 -3.53 -35.91 0.55
N THR A 38 -4.20 -35.92 1.70
CA THR A 38 -5.65 -35.82 1.80
C THR A 38 -6.08 -34.68 2.70
N GLY A 39 -5.16 -33.76 3.00
CA GLY A 39 -5.43 -32.64 3.88
C GLY A 39 -5.69 -31.33 3.18
N GLY A 40 -5.76 -31.31 1.85
CA GLY A 40 -5.95 -30.08 1.10
C GLY A 40 -4.90 -29.90 0.03
N ALA A 41 -5.04 -28.80 -0.74
CA ALA A 41 -4.16 -28.51 -1.85
C ALA A 41 -3.79 -27.03 -1.82
N LEU A 42 -2.54 -26.72 -2.17
CA LEU A 42 -2.07 -25.36 -2.34
C LEU A 42 -1.35 -25.24 -3.67
N VAL A 43 -1.65 -24.19 -4.42
CA VAL A 43 -0.94 -23.87 -5.66
C VAL A 43 0.03 -22.72 -5.38
N LEU A 44 1.33 -22.92 -5.71
CA LEU A 44 2.35 -21.91 -5.52
C LEU A 44 3.00 -21.58 -6.87
N VAL A 45 3.00 -20.31 -7.21
CA VAL A 45 3.64 -19.84 -8.43
C VAL A 45 5.06 -19.40 -8.13
N HIS A 46 6.00 -19.77 -9.01
CA HIS A 46 7.41 -19.38 -8.91
C HIS A 46 7.61 -17.90 -8.60
N PRO A 47 8.66 -17.54 -7.87
CA PRO A 47 9.02 -16.12 -7.75
C PRO A 47 9.72 -15.58 -9.00
N GLY A 48 10.28 -14.38 -8.90
CA GLY A 48 10.81 -13.69 -10.08
C GLY A 48 11.93 -14.42 -10.81
N GLU A 49 12.69 -15.27 -10.13
CA GLU A 49 13.74 -16.03 -10.79
C GLU A 49 13.25 -17.18 -11.65
N GLY A 50 11.97 -17.50 -11.60
CA GLY A 50 11.33 -18.32 -12.61
C GLY A 50 11.16 -19.79 -12.30
N LEU A 51 11.74 -20.28 -11.22
CA LEU A 51 11.72 -21.71 -10.91
C LEU A 51 11.01 -21.93 -9.56
N ALA A 52 10.19 -22.97 -9.52
CA ALA A 52 9.49 -23.32 -8.29
C ALA A 52 10.32 -24.17 -7.33
N LEU A 53 11.59 -24.43 -7.66
CA LEU A 53 12.45 -25.25 -6.81
C LEU A 53 12.48 -24.82 -5.35
N PRO A 54 12.50 -23.54 -5.01
CA PRO A 54 12.53 -23.17 -3.59
C PRO A 54 11.35 -23.69 -2.79
N TYR A 55 10.23 -24.03 -3.44
CA TYR A 55 9.07 -24.51 -2.70
C TYR A 55 9.22 -25.98 -2.30
N HIS A 56 10.16 -26.71 -2.92
CA HIS A 56 10.23 -28.16 -2.65
C HIS A 56 10.51 -28.46 -1.18
N GLY A 57 11.30 -27.59 -0.52
CA GLY A 57 11.55 -27.78 0.89
C GLY A 57 10.32 -27.68 1.79
N LEU A 58 9.19 -27.18 1.26
CA LEU A 58 7.97 -27.12 2.06
C LEU A 58 7.31 -28.48 2.26
N ALA A 59 7.57 -29.44 1.39
CA ALA A 59 6.83 -30.71 1.40
C ALA A 59 6.84 -31.40 2.76
N PRO A 60 7.99 -31.61 3.41
CA PRO A 60 7.96 -32.29 4.72
C PRO A 60 7.39 -31.42 5.84
N LEU A 61 7.27 -30.11 5.63
CA LEU A 61 6.66 -29.24 6.63
C LEU A 61 5.14 -29.09 6.46
N LEU A 62 4.63 -29.39 5.27
CA LEU A 62 3.19 -29.44 5.01
C LEU A 62 2.87 -30.80 4.41
N PRO A 63 3.18 -31.87 5.12
CA PRO A 63 3.17 -33.19 4.47
C PRO A 63 1.80 -33.64 4.06
N ASP A 64 0.75 -33.01 4.60
CA ASP A 64 -0.61 -33.45 4.27
C ASP A 64 -1.32 -32.47 3.38
N VAL A 65 -0.57 -31.61 2.68
CA VAL A 65 -1.10 -30.69 1.68
C VAL A 65 -0.45 -31.04 0.35
N ARG A 66 -1.29 -31.28 -0.66
CA ARG A 66 -0.77 -31.46 -2.01
C ARG A 66 -0.28 -30.10 -2.49
N LEU A 67 0.99 -29.99 -2.87
CA LEU A 67 1.53 -28.70 -3.29
C LEU A 67 1.78 -28.76 -4.79
N HIS A 68 1.06 -27.94 -5.55
CA HIS A 68 1.25 -27.83 -6.99
C HIS A 68 2.10 -26.58 -7.22
N VAL A 69 3.33 -26.79 -7.70
CA VAL A 69 4.30 -25.72 -7.84
C VAL A 69 4.54 -25.49 -9.31
N LEU A 70 4.41 -24.24 -9.75
CA LEU A 70 4.51 -23.88 -11.15
C LEU A 70 5.81 -23.11 -11.43
N SER A 71 6.52 -23.53 -12.45
CA SER A 71 7.68 -22.82 -12.97
C SER A 71 7.37 -22.16 -14.30
N ASP A 72 8.16 -21.16 -14.63
CA ASP A 72 7.97 -20.37 -15.87
C ASP A 72 8.32 -21.22 -17.07
N PRO A 73 7.37 -21.57 -17.93
CA PRO A 73 7.70 -22.41 -19.10
C PRO A 73 8.62 -21.73 -20.10
N ARG A 74 8.85 -20.42 -19.98
CA ARG A 74 9.76 -19.72 -20.88
C ARG A 74 11.15 -19.51 -20.27
N PHE A 75 11.41 -20.08 -19.08
CA PHE A 75 12.70 -19.95 -18.46
C PHE A 75 13.77 -20.39 -19.43
N GLY A 76 14.81 -19.56 -19.56
CA GLY A 76 15.92 -19.90 -20.42
C GLY A 76 15.68 -19.66 -21.90
N GLN A 77 14.54 -19.12 -22.28
CA GLN A 77 14.22 -18.80 -23.67
C GLN A 77 14.21 -17.28 -23.84
N SER A 78 14.71 -16.82 -24.99
CA SER A 78 14.64 -15.39 -25.29
C SER A 78 13.41 -15.02 -26.11
N ASP A 79 12.76 -16.00 -26.75
CA ASP A 79 11.61 -15.74 -27.59
C ASP A 79 10.34 -16.32 -26.98
N ASN A 80 9.22 -15.95 -27.59
CA ASN A 80 7.90 -16.38 -27.18
C ASN A 80 7.68 -16.13 -25.70
N ARG A 81 8.13 -14.97 -25.23
CA ARG A 81 7.83 -14.51 -23.88
C ARG A 81 6.38 -14.03 -23.76
N PHE A 82 5.88 -14.07 -22.53
CA PHE A 82 4.55 -13.52 -22.26
C PHE A 82 4.55 -12.01 -22.49
N ALA A 83 3.49 -11.51 -23.12
CA ALA A 83 3.38 -10.07 -23.36
C ALA A 83 2.84 -9.33 -22.15
N THR A 84 2.04 -10.01 -21.31
CA THR A 84 1.49 -9.38 -20.11
C THR A 84 1.45 -10.40 -18.98
N LEU A 85 1.40 -9.88 -17.76
CA LEU A 85 1.20 -10.74 -16.61
C LEU A 85 -0.13 -11.48 -16.68
N ALA A 86 -1.17 -10.86 -17.23
CA ALA A 86 -2.48 -11.51 -17.28
C ALA A 86 -2.44 -12.74 -18.19
N GLU A 87 -1.69 -12.68 -19.28
CA GLU A 87 -1.53 -13.85 -20.16
C GLU A 87 -0.84 -15.01 -19.43
N MET A 88 0.22 -14.71 -18.69
CA MET A 88 0.89 -15.73 -17.90
C MET A 88 -0.09 -16.35 -16.91
N ALA A 89 -0.84 -15.50 -16.19
CA ALA A 89 -1.82 -15.99 -15.23
C ALA A 89 -2.84 -16.92 -15.90
N THR A 90 -3.30 -16.54 -17.09
CA THR A 90 -4.32 -17.33 -17.79
C THR A 90 -3.78 -18.71 -18.13
N ARG A 91 -2.56 -18.78 -18.64
CA ARG A 91 -1.96 -20.09 -18.89
C ARG A 91 -1.88 -20.91 -17.60
N TYR A 92 -1.45 -20.26 -16.52
CA TYR A 92 -1.31 -21.01 -15.26
C TYR A 92 -2.66 -21.48 -14.72
N VAL A 93 -3.71 -20.69 -14.91
CA VAL A 93 -5.05 -21.11 -14.49
C VAL A 93 -5.46 -22.37 -15.24
N GLU A 94 -5.20 -22.41 -16.55
CA GLU A 94 -5.47 -23.63 -17.31
C GLU A 94 -4.73 -24.83 -16.69
N TRP A 95 -3.45 -24.65 -16.35
CA TRP A 95 -2.70 -25.73 -15.71
C TRP A 95 -3.37 -26.17 -14.40
N VAL A 96 -3.72 -25.20 -13.56
CA VAL A 96 -4.31 -25.49 -12.26
C VAL A 96 -5.60 -26.29 -12.45
N ARG A 97 -6.42 -25.88 -13.41
CA ARG A 97 -7.70 -26.55 -13.62
C ARG A 97 -7.49 -27.98 -14.08
N THR A 98 -6.44 -28.21 -14.89
CA THR A 98 -6.14 -29.58 -15.26
C THR A 98 -5.69 -30.39 -14.05
N THR A 99 -4.91 -29.78 -13.16
CA THR A 99 -4.35 -30.53 -12.04
C THR A 99 -5.37 -30.74 -10.92
N GLU A 100 -6.16 -29.71 -10.61
CA GLU A 100 -7.17 -29.76 -9.57
C GLU A 100 -8.48 -29.32 -10.22
N PRO A 101 -9.23 -30.24 -10.84
CA PRO A 101 -10.43 -29.82 -11.59
C PRO A 101 -11.54 -29.25 -10.72
N GLU A 102 -11.50 -29.44 -9.41
CA GLU A 102 -12.54 -28.98 -8.51
C GLU A 102 -11.97 -28.07 -7.44
N GLY A 103 -12.64 -26.95 -7.19
CA GLY A 103 -12.31 -26.09 -6.08
C GLY A 103 -12.81 -26.65 -4.77
N PRO A 104 -12.76 -25.85 -3.70
CA PRO A 104 -12.20 -24.49 -3.70
C PRO A 104 -10.68 -24.49 -3.85
N TYR A 105 -10.17 -23.37 -4.32
CA TYR A 105 -8.77 -23.21 -4.66
C TYR A 105 -8.05 -22.35 -3.65
N ARG A 106 -6.81 -22.72 -3.38
CA ARG A 106 -5.89 -21.92 -2.56
C ARG A 106 -4.67 -21.64 -3.42
N LEU A 107 -4.41 -20.36 -3.67
CA LEU A 107 -3.38 -19.93 -4.61
C LEU A 107 -2.40 -19.02 -3.89
N GLY A 108 -1.14 -19.07 -4.29
CA GLY A 108 -0.20 -18.13 -3.72
C GLY A 108 1.14 -18.17 -4.40
N GLY A 109 2.05 -17.39 -3.84
CA GLY A 109 3.40 -17.37 -4.36
C GLY A 109 4.26 -16.41 -3.56
N TRP A 110 5.54 -16.69 -3.63
CA TRP A 110 6.58 -15.82 -3.09
C TRP A 110 6.88 -14.69 -4.06
N SER A 111 6.84 -13.46 -3.58
CA SER A 111 7.31 -12.29 -4.31
C SER A 111 6.52 -12.20 -5.62
N PHE A 112 7.17 -12.19 -6.77
CA PHE A 112 6.46 -12.09 -8.07
C PHE A 112 5.35 -13.13 -8.19
N GLY A 113 5.62 -14.34 -7.70
CA GLY A 113 4.62 -15.41 -7.82
C GLY A 113 3.30 -15.06 -7.14
N GLY A 114 3.38 -14.36 -6.01
CA GLY A 114 2.17 -13.89 -5.36
C GLY A 114 1.35 -12.97 -6.24
N VAL A 115 2.01 -12.03 -6.91
CA VAL A 115 1.29 -11.14 -7.80
C VAL A 115 0.60 -11.94 -8.90
N VAL A 116 1.29 -12.94 -9.43
CA VAL A 116 0.66 -13.75 -10.47
C VAL A 116 -0.55 -14.46 -9.87
N ALA A 117 -0.39 -14.98 -8.65
CA ALA A 117 -1.47 -15.69 -8.00
C ALA A 117 -2.68 -14.77 -7.85
N LEU A 118 -2.42 -13.49 -7.54
CA LEU A 118 -3.53 -12.56 -7.39
C LEU A 118 -4.32 -12.48 -8.69
N GLU A 119 -3.63 -12.27 -9.81
CA GLU A 119 -4.34 -12.19 -11.08
C GLU A 119 -5.06 -13.50 -11.35
N MET A 120 -4.42 -14.64 -11.05
CA MET A 120 -5.10 -15.91 -11.25
C MET A 120 -6.38 -15.96 -10.43
N ALA A 121 -6.28 -15.59 -9.17
CA ALA A 121 -7.46 -15.66 -8.32
C ALA A 121 -8.55 -14.78 -8.90
N SER A 122 -8.17 -13.57 -9.33
CA SER A 122 -9.14 -12.67 -9.91
C SER A 122 -9.83 -13.35 -11.08
N GLN A 123 -9.03 -13.90 -12.01
CA GLN A 123 -9.63 -14.50 -13.19
C GLN A 123 -10.53 -15.66 -12.77
N MET A 124 -10.04 -16.48 -11.84
CA MET A 124 -10.79 -17.68 -11.51
C MET A 124 -12.08 -17.30 -10.81
N THR A 125 -12.05 -16.24 -10.00
CA THR A 125 -13.25 -15.88 -9.28
C THR A 125 -14.28 -15.27 -10.23
N ALA A 126 -13.80 -14.60 -11.29
CA ALA A 126 -14.74 -14.04 -12.25
C ALA A 126 -15.42 -15.13 -13.07
N HIS A 127 -14.76 -16.26 -13.27
CA HIS A 127 -15.31 -17.37 -14.01
C HIS A 127 -16.25 -18.24 -13.15
N GLY A 128 -16.39 -17.92 -11.87
CA GLY A 128 -17.26 -18.67 -11.00
C GLY A 128 -16.57 -19.69 -10.12
N ASP A 129 -15.25 -19.81 -10.20
CA ASP A 129 -14.55 -20.74 -9.31
C ASP A 129 -14.47 -20.12 -7.92
N GLU A 130 -14.44 -20.97 -6.92
CA GLU A 130 -14.25 -20.52 -5.55
C GLU A 130 -12.75 -20.54 -5.22
N VAL A 131 -12.23 -19.40 -4.79
CA VAL A 131 -10.86 -19.27 -4.31
C VAL A 131 -10.97 -18.90 -2.84
N SER A 132 -10.68 -19.87 -1.96
CA SER A 132 -10.84 -19.66 -0.53
C SER A 132 -9.65 -18.94 0.09
N ASP A 133 -8.47 -19.02 -0.54
CA ASP A 133 -7.28 -18.40 0.03
C ASP A 133 -6.34 -17.92 -1.08
N LEU A 134 -5.82 -16.73 -0.89
CA LEU A 134 -4.78 -16.14 -1.71
C LEU A 134 -3.61 -15.83 -0.79
N LEU A 135 -2.46 -16.44 -1.05
CA LEU A 135 -1.27 -16.31 -0.20
C LEU A 135 -0.19 -15.49 -0.90
N LEU A 136 0.07 -14.30 -0.37
CA LEU A 136 1.12 -13.42 -0.87
C LEU A 136 2.29 -13.45 0.12
N VAL A 137 3.36 -14.15 -0.25
CA VAL A 137 4.53 -14.27 0.62
C VAL A 137 5.47 -13.10 0.28
N ASP A 138 5.37 -12.02 1.04
CA ASP A 138 6.24 -10.87 0.89
C ASP A 138 6.23 -10.34 -0.55
N SER A 139 5.06 -10.32 -1.14
CA SER A 139 4.90 -9.82 -2.51
C SER A 139 4.79 -8.30 -2.50
N HIS A 140 5.40 -7.67 -3.49
CA HIS A 140 5.30 -6.24 -3.72
C HIS A 140 4.51 -5.97 -4.98
N ASN A 141 3.89 -4.79 -5.03
CA ASN A 141 3.24 -4.28 -6.24
C ASN A 141 4.19 -3.25 -6.86
N LEU A 142 5.00 -3.68 -7.82
CA LEU A 142 6.00 -2.81 -8.43
C LEU A 142 5.37 -1.80 -9.38
N ASN A 143 4.11 -1.99 -9.75
CA ASN A 143 3.40 -1.02 -10.57
C ASN A 143 3.23 0.31 -9.87
N ALA A 144 3.33 0.33 -8.53
CA ALA A 144 3.27 1.54 -7.73
C ALA A 144 4.63 2.17 -7.49
N ALA A 145 5.72 1.56 -7.99
CA ALA A 145 7.07 1.94 -7.58
C ALA A 145 7.75 2.85 -8.60
N PRO A 146 8.62 3.74 -8.10
CA PRO A 146 9.38 4.62 -9.01
C PRO A 146 10.46 3.85 -9.76
N ARG A 147 10.79 4.35 -10.93
CA ARG A 147 11.90 3.78 -11.71
C ARG A 147 13.21 4.16 -11.05
N THR A 148 14.01 3.16 -10.67
CA THR A 148 15.25 3.43 -9.94
C THR A 148 16.38 3.76 -10.88
N GLY A 149 17.10 2.73 -11.32
CA GLY A 149 18.19 2.90 -12.25
C GLY A 149 18.05 1.96 -13.43
N ASP A 150 19.14 1.62 -14.08
CA ASP A 150 19.09 0.70 -15.20
C ASP A 150 18.56 -0.65 -14.70
N PRO A 151 17.55 -1.23 -15.35
CA PRO A 151 16.96 -2.45 -14.79
C PRO A 151 17.94 -3.60 -14.74
N ARG A 152 18.65 -3.86 -15.85
CA ARG A 152 19.57 -4.97 -15.91
C ARG A 152 20.72 -4.80 -14.92
N GLU A 153 21.28 -3.59 -14.86
CA GLU A 153 22.35 -3.33 -13.90
C GLU A 153 21.89 -3.62 -12.48
N GLY A 154 20.64 -3.26 -12.16
CA GLY A 154 20.11 -3.54 -10.84
C GLY A 154 20.00 -5.02 -10.57
N VAL A 155 19.49 -5.78 -11.54
CA VAL A 155 19.36 -7.23 -11.36
C VAL A 155 20.72 -7.86 -11.17
N ARG A 156 21.70 -7.46 -11.99
CA ARG A 156 23.04 -8.01 -11.87
C ARG A 156 23.65 -7.71 -10.50
N GLN A 157 23.53 -6.47 -10.05
CA GLN A 157 24.09 -6.10 -8.75
C GLN A 157 23.45 -6.93 -7.64
N ARG A 158 22.13 -7.04 -7.67
CA ARG A 158 21.47 -7.84 -6.63
C ARG A 158 21.92 -9.30 -6.66
N LEU A 159 22.05 -9.89 -7.85
CA LEU A 159 22.50 -11.27 -7.93
C LEU A 159 23.92 -11.42 -7.38
N VAL A 160 24.81 -10.47 -7.70
CA VAL A 160 26.15 -10.52 -7.15
C VAL A 160 26.09 -10.50 -5.62
N GLU A 161 25.29 -9.60 -5.06
CA GLU A 161 25.16 -9.56 -3.60
C GLU A 161 24.62 -10.87 -3.03
N LEU A 162 23.83 -11.61 -3.81
CA LEU A 162 23.33 -12.91 -3.36
C LEU A 162 24.26 -14.07 -3.69
N GLY A 163 25.49 -13.79 -4.14
CA GLY A 163 26.41 -14.86 -4.44
C GLY A 163 26.13 -15.61 -5.71
N VAL A 164 25.45 -15.00 -6.68
CA VAL A 164 25.18 -15.64 -7.97
C VAL A 164 26.03 -14.94 -9.03
N ASP A 165 26.68 -15.72 -9.90
CA ASP A 165 27.55 -15.17 -10.93
C ASP A 165 26.70 -14.78 -12.14
N PRO A 166 26.55 -13.47 -12.39
CA PRO A 166 25.61 -13.04 -13.43
C PRO A 166 26.03 -13.35 -14.85
N ASP A 167 27.28 -13.73 -15.10
CA ASP A 167 27.75 -14.02 -16.44
C ASP A 167 28.00 -15.51 -16.66
N SER A 168 27.77 -16.34 -15.66
CA SER A 168 27.69 -17.78 -15.88
C SER A 168 26.42 -18.09 -16.68
N PRO A 169 26.34 -19.28 -17.27
CA PRO A 169 25.13 -19.61 -18.06
C PRO A 169 23.85 -19.56 -17.22
N GLU A 170 23.87 -20.18 -16.05
CA GLU A 170 22.74 -20.08 -15.14
C GLU A 170 22.45 -18.62 -14.83
N GLY A 171 23.49 -17.84 -14.57
CA GLY A 171 23.30 -16.44 -14.26
C GLY A 171 22.63 -15.69 -15.41
N VAL A 172 22.99 -16.02 -16.65
CA VAL A 172 22.37 -15.36 -17.79
C VAL A 172 20.88 -15.64 -17.82
N ASP A 173 20.51 -16.92 -17.67
CA ASP A 173 19.08 -17.25 -17.63
C ASP A 173 18.35 -16.52 -16.51
N VAL A 174 18.95 -16.47 -15.32
CA VAL A 174 18.28 -15.85 -14.18
C VAL A 174 18.16 -14.35 -14.37
N VAL A 175 19.20 -13.70 -14.93
CA VAL A 175 19.13 -12.27 -15.19
C VAL A 175 17.96 -11.98 -16.13
N GLU A 176 17.87 -12.73 -17.23
CA GLU A 176 16.81 -12.48 -18.21
C GLU A 176 15.43 -12.72 -17.60
N GLU A 177 15.31 -13.78 -16.79
CA GLU A 177 14.07 -14.10 -16.12
C GLU A 177 13.65 -12.97 -15.19
N LEU A 178 14.58 -12.51 -14.34
CA LEU A 178 14.25 -11.43 -13.42
C LEU A 178 13.85 -10.16 -14.18
N LEU A 179 14.51 -9.92 -15.29
CA LEU A 179 14.23 -8.73 -16.08
C LEU A 179 12.84 -8.78 -16.68
N HIS A 180 12.49 -9.89 -17.32
CA HIS A 180 11.17 -10.02 -17.93
C HIS A 180 10.05 -10.05 -16.89
N ASN A 181 10.21 -10.80 -15.80
CA ASN A 181 9.14 -10.86 -14.82
C ASN A 181 9.00 -9.54 -14.09
N GLY A 182 10.11 -8.87 -13.79
CA GLY A 182 10.00 -7.56 -13.19
C GLY A 182 9.25 -6.59 -14.06
N ALA A 183 9.51 -6.63 -15.38
CA ALA A 183 8.82 -5.70 -16.28
C ALA A 183 7.34 -6.04 -16.38
N LEU A 184 6.99 -7.33 -16.41
CA LEU A 184 5.58 -7.71 -16.41
C LEU A 184 4.90 -7.21 -15.14
N ALA A 185 5.57 -7.36 -13.99
CA ALA A 185 4.99 -6.92 -12.73
C ALA A 185 4.80 -5.41 -12.70
N ALA A 186 5.79 -4.68 -13.17
CA ALA A 186 5.73 -3.23 -13.17
C ALA A 186 4.62 -2.74 -14.08
N GLN A 187 4.35 -3.48 -15.17
CA GLN A 187 3.27 -3.12 -16.09
C GLN A 187 1.88 -3.47 -15.56
N TYR A 188 1.80 -4.40 -14.60
CA TYR A 188 0.53 -4.92 -14.16
C TYR A 188 -0.06 -4.03 -13.07
N ALA A 189 -1.19 -3.41 -13.34
CA ALA A 189 -1.91 -2.61 -12.34
C ALA A 189 -2.89 -3.54 -11.66
N PRO A 190 -2.69 -3.92 -10.39
CA PRO A 190 -3.52 -4.96 -9.78
C PRO A 190 -4.96 -4.51 -9.62
N PRO A 191 -5.90 -5.43 -9.79
CA PRO A 191 -7.30 -5.09 -9.53
C PRO A 191 -7.58 -5.21 -8.04
N ALA A 192 -8.73 -4.68 -7.64
CA ALA A 192 -9.29 -5.03 -6.34
C ALA A 192 -9.69 -6.50 -6.33
N TYR A 193 -9.50 -7.15 -5.18
CA TYR A 193 -9.79 -8.56 -5.02
C TYR A 193 -10.47 -8.72 -3.67
N ARG A 194 -11.68 -9.32 -3.70
CA ARG A 194 -12.55 -9.35 -2.53
C ARG A 194 -12.42 -10.62 -1.71
N GLY A 195 -11.79 -11.67 -2.25
CA GLY A 195 -11.59 -12.88 -1.48
C GLY A 195 -10.60 -12.71 -0.33
N ARG A 196 -10.49 -13.75 0.47
CA ARG A 196 -9.57 -13.74 1.59
C ARG A 196 -8.12 -13.76 1.10
N VAL A 197 -7.31 -12.85 1.62
CA VAL A 197 -5.92 -12.70 1.25
C VAL A 197 -5.11 -12.73 2.52
N SER A 198 -4.01 -13.50 2.49
CA SER A 198 -3.01 -13.48 3.55
C SER A 198 -1.72 -12.91 2.96
N LEU A 199 -1.24 -11.83 3.53
CA LEU A 199 0.03 -11.22 3.16
C LEU A 199 1.05 -11.51 4.26
N LEU A 200 2.06 -12.33 3.97
CA LEU A 200 3.15 -12.57 4.89
C LEU A 200 4.26 -11.56 4.63
N VAL A 201 4.69 -10.86 5.70
CA VAL A 201 5.59 -9.73 5.59
C VAL A 201 6.83 -9.98 6.46
N THR A 202 8.00 -9.67 5.94
CA THR A 202 9.20 -9.71 6.75
C THR A 202 9.20 -8.59 7.79
N PRO A 203 9.95 -8.78 8.90
CA PRO A 203 10.01 -7.77 9.98
C PRO A 203 10.91 -6.58 9.67
N THR A 204 10.58 -5.86 8.61
CA THR A 204 11.47 -4.81 8.10
C THR A 204 10.85 -3.41 8.08
N ASP A 205 9.65 -3.21 8.60
CA ASP A 205 8.91 -1.97 8.39
C ASP A 205 8.81 -1.07 9.61
N GLY A 206 8.66 -1.62 10.82
CA GLY A 206 8.63 -0.79 12.00
C GLY A 206 7.34 -0.02 12.15
N ASP A 207 7.41 1.31 12.19
CA ASP A 207 6.22 2.13 12.19
C ASP A 207 5.59 2.26 10.81
N ARG A 208 6.32 1.89 9.75
CA ARG A 208 5.77 1.90 8.40
C ARG A 208 4.67 0.86 8.26
N ASP A 209 3.55 1.24 7.66
CA ASP A 209 2.47 0.30 7.40
C ASP A 209 2.95 -0.77 6.42
N ALA A 210 2.82 -2.04 6.84
CA ALA A 210 3.41 -3.13 6.06
C ALA A 210 2.66 -3.35 4.75
N VAL A 211 1.35 -3.12 4.75
CA VAL A 211 0.56 -3.27 3.53
C VAL A 211 0.94 -2.18 2.54
N ARG A 212 0.86 -0.91 2.96
CA ARG A 212 1.14 0.19 2.06
C ARG A 212 2.60 0.16 1.60
N ALA A 213 3.52 -0.24 2.47
CA ALA A 213 4.93 -0.23 2.11
C ALA A 213 5.23 -1.18 0.95
N ARG A 214 4.37 -2.19 0.72
CA ARG A 214 4.53 -3.13 -0.38
C ARG A 214 3.68 -2.75 -1.58
N GLY A 215 3.14 -1.55 -1.59
CA GLY A 215 2.42 -1.02 -2.73
C GLY A 215 0.97 -1.43 -2.81
N TRP A 216 0.45 -2.04 -1.75
CA TRP A 216 -0.94 -2.45 -1.67
C TRP A 216 -1.70 -1.44 -0.81
N ASP A 217 -3.03 -1.55 -0.83
CA ASP A 217 -3.88 -0.80 0.08
C ASP A 217 -5.15 -1.63 0.30
N ARG A 218 -5.94 -1.20 1.27
CA ARG A 218 -7.16 -1.90 1.69
C ARG A 218 -8.33 -1.67 0.75
N ALA A 219 -8.25 -0.69 -0.16
CA ALA A 219 -9.22 -0.62 -1.24
C ALA A 219 -9.00 -1.75 -2.22
N LEU A 220 -7.74 -2.11 -2.46
CA LEU A 220 -7.43 -3.22 -3.34
C LEU A 220 -7.63 -4.56 -2.64
N LEU A 221 -7.32 -4.62 -1.34
CA LEU A 221 -7.35 -5.88 -0.58
C LEU A 221 -8.16 -5.69 0.68
N PRO A 222 -9.49 -5.64 0.58
CA PRO A 222 -10.31 -5.33 1.76
C PRO A 222 -10.37 -6.45 2.79
N ASP A 223 -10.27 -7.73 2.39
CA ASP A 223 -10.31 -8.85 3.31
C ASP A 223 -8.92 -9.44 3.53
N LEU A 224 -8.03 -8.65 4.12
CA LEU A 224 -6.63 -8.98 4.24
C LEU A 224 -6.20 -9.23 5.67
N VAL A 225 -5.45 -10.31 5.88
CA VAL A 225 -4.77 -10.57 7.14
C VAL A 225 -3.26 -10.50 6.91
N VAL A 226 -2.56 -9.74 7.74
CA VAL A 226 -1.12 -9.59 7.66
C VAL A 226 -0.49 -10.54 8.66
N GLU A 227 0.38 -11.43 8.17
CA GLU A 227 1.09 -12.38 9.03
C GLU A 227 2.57 -12.08 9.01
N PRO A 228 3.20 -11.88 10.16
CA PRO A 228 4.66 -11.70 10.16
C PRO A 228 5.35 -13.02 9.84
N VAL A 229 6.51 -12.92 9.21
CA VAL A 229 7.32 -14.10 8.93
C VAL A 229 8.78 -13.65 9.10
N PRO A 230 9.59 -14.36 9.88
CA PRO A 230 10.93 -13.88 10.14
C PRO A 230 11.86 -14.10 8.96
N GLY A 231 12.92 -13.30 8.94
CA GLY A 231 13.97 -13.44 7.94
C GLY A 231 13.89 -12.37 6.87
N ALA A 232 14.86 -12.41 5.98
CA ALA A 232 14.96 -11.49 4.87
C ALA A 232 14.16 -11.99 3.68
N HIS A 233 13.69 -11.04 2.86
CA HIS A 233 12.96 -11.35 1.64
C HIS A 233 13.59 -12.52 0.88
N GLU A 234 14.92 -12.47 0.70
CA GLU A 234 15.61 -13.45 -0.15
C GLU A 234 15.78 -14.81 0.50
N ARG A 235 15.73 -14.89 1.82
CA ARG A 235 16.12 -16.11 2.53
C ARG A 235 14.94 -16.87 3.12
N LEU A 236 13.70 -16.51 2.75
CA LEU A 236 12.53 -17.08 3.39
C LEU A 236 12.41 -18.59 3.18
N PHE A 237 12.97 -19.10 2.09
CA PHE A 237 12.89 -20.52 1.78
C PHE A 237 14.24 -21.21 1.88
N ASP A 238 15.19 -20.60 2.57
CA ASP A 238 16.39 -21.30 3.00
C ASP A 238 16.03 -22.38 4.01
N GLU A 239 16.87 -23.41 4.09
CA GLU A 239 16.60 -24.50 5.04
C GLU A 239 16.44 -23.96 6.46
N GLU A 240 17.21 -22.94 6.83
CA GLU A 240 17.18 -22.39 8.18
C GLU A 240 15.92 -21.56 8.45
N HIS A 241 15.20 -21.15 7.40
CA HIS A 241 13.98 -20.40 7.59
C HIS A 241 12.72 -21.15 7.20
N LEU A 242 12.84 -22.30 6.53
CA LEU A 242 11.68 -22.98 5.96
C LEU A 242 10.63 -23.29 7.02
N SER A 243 11.06 -23.70 8.22
CA SER A 243 10.11 -24.09 9.25
C SER A 243 9.28 -22.90 9.72
N ASP A 244 9.92 -21.76 9.97
CA ASP A 244 9.17 -20.55 10.31
C ASP A 244 8.22 -20.13 9.20
N THR A 245 8.70 -20.17 7.96
CA THR A 245 7.88 -19.77 6.82
C THR A 245 6.70 -20.70 6.65
N ALA A 246 6.94 -22.00 6.81
CA ALA A 246 5.84 -22.95 6.76
C ALA A 246 4.84 -22.69 7.87
N ASP A 247 5.32 -22.35 9.09
CA ASP A 247 4.38 -22.04 10.17
C ASP A 247 3.52 -20.83 9.79
N ALA A 248 4.15 -19.80 9.21
CA ALA A 248 3.37 -18.62 8.80
C ALA A 248 2.34 -19.01 7.75
N ILE A 249 2.72 -19.88 6.81
CA ILE A 249 1.78 -20.32 5.79
C ILE A 249 0.63 -21.08 6.42
N ARG A 250 0.95 -22.03 7.30
CA ARG A 250 -0.08 -22.83 7.97
C ARG A 250 -1.05 -21.94 8.74
N ARG A 251 -0.53 -20.99 9.50
CA ARG A 251 -1.42 -20.08 10.21
C ARG A 251 -2.31 -19.31 9.25
N ALA A 252 -1.71 -18.76 8.18
CA ALA A 252 -2.50 -17.96 7.25
C ALA A 252 -3.60 -18.79 6.62
N LEU A 253 -3.38 -20.07 6.39
CA LEU A 253 -4.40 -20.90 5.76
C LEU A 253 -5.43 -21.44 6.74
N GLY A 254 -5.20 -21.33 8.04
CA GLY A 254 -6.11 -21.90 9.02
C GLY A 254 -5.79 -21.49 10.43
N TYR B 29 11.34 31.46 7.47
CA TYR B 29 11.09 30.23 6.73
C TYR B 29 9.72 30.25 6.05
N VAL B 30 8.97 31.33 6.27
CA VAL B 30 7.75 31.59 5.52
C VAL B 30 8.02 32.84 4.70
N HIS B 31 8.04 32.70 3.38
CA HIS B 31 8.26 33.82 2.49
C HIS B 31 6.98 34.10 1.71
N THR B 32 6.65 35.36 1.53
CA THR B 32 5.44 35.70 0.81
C THR B 32 5.82 36.46 -0.46
N LEU B 33 5.40 35.93 -1.59
CA LEU B 33 5.51 36.57 -2.89
C LEU B 33 4.19 37.26 -3.21
N ASN B 34 4.26 38.38 -3.91
CA ASN B 34 3.11 39.24 -4.20
C ASN B 34 2.37 39.55 -2.90
N PRO B 35 3.08 40.05 -1.88
CA PRO B 35 2.44 40.14 -0.55
C PRO B 35 1.29 41.11 -0.46
N GLU B 36 1.21 42.11 -1.33
CA GLU B 36 0.14 43.09 -1.33
C GLU B 36 -1.06 42.67 -2.18
N ALA B 37 -1.03 41.50 -2.81
CA ALA B 37 -2.07 41.05 -3.72
C ALA B 37 -3.46 40.74 -3.08
N THR B 38 -3.73 40.99 -1.81
CA THR B 38 -5.03 40.70 -1.22
C THR B 38 -5.74 39.50 -1.84
N GLY B 40 -4.03 35.99 -3.28
CA GLY B 40 -4.90 34.88 -3.54
C GLY B 40 -4.62 33.66 -2.68
N ALA B 41 -3.68 33.81 -1.75
CA ALA B 41 -3.47 32.80 -0.73
C ALA B 41 -3.29 31.42 -1.34
N LEU B 42 -2.09 31.14 -1.85
CA LEU B 42 -1.68 29.80 -2.23
C LEU B 42 -0.46 29.50 -1.37
N VAL B 43 -0.49 28.36 -0.67
CA VAL B 43 0.59 27.94 0.21
C VAL B 43 1.37 26.84 -0.50
N LEU B 44 2.69 27.04 -0.66
CA LEU B 44 3.52 26.05 -1.32
C LEU B 44 4.58 25.58 -0.34
N VAL B 45 4.64 24.28 -0.13
CA VAL B 45 5.61 23.67 0.73
C VAL B 45 6.82 23.24 -0.10
N HIS B 46 8.02 23.49 0.44
CA HIS B 46 9.30 23.14 -0.17
C HIS B 46 9.34 21.72 -0.67
N PRO B 47 10.10 21.47 -1.75
CA PRO B 47 10.40 20.07 -2.14
C PRO B 47 11.44 19.44 -1.23
N GLY B 48 11.95 18.27 -1.64
CA GLY B 48 12.79 17.48 -0.75
C GLY B 48 14.09 18.16 -0.37
N GLU B 49 14.62 19.05 -1.22
CA GLU B 49 15.87 19.71 -0.90
C GLU B 49 15.69 20.79 0.17
N GLY B 50 14.47 21.12 0.54
CA GLY B 50 14.20 21.84 1.77
C GLY B 50 13.99 23.33 1.65
N LEU B 51 14.24 23.90 0.47
CA LEU B 51 14.13 25.34 0.30
C LEU B 51 13.02 25.68 -0.68
N ALA B 52 12.28 26.74 -0.36
CA ALA B 52 11.23 27.24 -1.23
C ALA B 52 11.74 28.15 -2.35
N LEU B 53 13.06 28.34 -2.50
CA LEU B 53 13.60 29.21 -3.53
C LEU B 53 13.08 28.92 -4.93
N PRO B 54 12.92 27.67 -5.37
CA PRO B 54 12.43 27.46 -6.75
C PRO B 54 11.07 28.08 -7.02
N TYR B 55 10.25 28.32 -6.00
CA TYR B 55 8.94 28.89 -6.22
C TYR B 55 9.01 30.39 -6.51
N HIS B 56 10.13 31.05 -6.21
CA HIS B 56 10.19 32.50 -6.31
C HIS B 56 9.91 32.97 -7.73
N GLY B 57 10.39 32.23 -8.72
CA GLY B 57 10.16 32.58 -10.10
C GLY B 57 8.70 32.57 -10.52
N LEU B 58 7.80 32.03 -9.71
CA LEU B 58 6.38 32.05 -10.04
C LEU B 58 5.76 33.43 -9.85
N ALA B 59 6.40 34.30 -9.06
CA ALA B 59 5.74 35.54 -8.67
C ALA B 59 5.23 36.37 -9.85
N PRO B 60 6.04 36.69 -10.86
CA PRO B 60 5.53 37.49 -11.98
C PRO B 60 4.58 36.74 -12.91
N LEU B 61 4.54 35.42 -12.88
CA LEU B 61 3.63 34.64 -13.69
C LEU B 61 2.26 34.43 -13.04
N LEU B 62 2.17 34.63 -11.73
CA LEU B 62 0.91 34.64 -10.98
C LEU B 62 0.85 35.97 -10.27
N PRO B 63 0.87 37.08 -11.03
CA PRO B 63 1.19 38.38 -10.43
C PRO B 63 0.15 38.89 -9.44
N ASP B 64 -1.07 38.36 -9.47
CA ASP B 64 -2.11 38.80 -8.55
C ASP B 64 -2.49 37.68 -7.58
N VAL B 65 -1.59 36.73 -7.35
CA VAL B 65 -1.77 35.68 -6.34
C VAL B 65 -0.71 35.89 -5.28
N ARG B 66 -1.17 35.99 -4.03
CA ARG B 66 -0.28 35.99 -2.86
C ARG B 66 0.17 34.56 -2.62
N LEU B 67 1.49 34.35 -2.61
CA LEU B 67 2.05 33.01 -2.47
C LEU B 67 2.83 32.95 -1.17
N HIS B 68 2.43 32.07 -0.27
CA HIS B 68 3.21 31.79 0.93
C HIS B 68 3.99 30.51 0.66
N VAL B 69 5.31 30.62 0.62
CA VAL B 69 6.18 29.50 0.29
C VAL B 69 6.99 29.17 1.54
N LEU B 70 6.94 27.91 1.93
CA LEU B 70 7.50 27.48 3.21
C LEU B 70 8.78 26.67 2.97
N SER B 71 9.83 26.99 3.71
CA SER B 71 11.09 26.25 3.72
C SER B 71 11.23 25.49 5.03
N ASP B 72 12.03 24.45 5.01
CA ASP B 72 12.25 23.60 6.19
C ASP B 72 13.00 24.39 7.26
N PRO B 73 12.39 24.66 8.41
CA PRO B 73 13.10 25.44 9.45
C PRO B 73 14.31 24.70 10.02
N ARG B 74 14.47 23.41 9.75
CA ARG B 74 15.61 22.66 10.23
C ARG B 74 16.69 22.53 9.16
N PHE B 75 16.53 23.22 8.01
CA PHE B 75 17.53 23.16 6.97
C PHE B 75 18.88 23.56 7.54
N GLY B 76 19.91 22.78 7.20
CA GLY B 76 21.25 23.07 7.65
C GLY B 76 21.54 22.72 9.09
N GLN B 77 20.58 22.13 9.80
CA GLN B 77 20.76 21.73 11.18
C GLN B 77 20.79 20.21 11.25
N SER B 78 21.65 19.68 12.10
CA SER B 78 21.70 18.23 12.27
C SER B 78 20.80 17.74 13.40
N ASP B 79 20.38 18.59 14.31
CA ASP B 79 19.58 18.18 15.45
C ASP B 79 18.15 18.71 15.34
N ASN B 80 17.31 18.24 16.26
CA ASN B 80 15.91 18.66 16.34
C ASN B 80 15.20 18.51 15.00
N ARG B 81 15.47 17.41 14.31
CA ARG B 81 14.75 17.11 13.09
C ARG B 81 13.35 16.64 13.44
N PHE B 82 12.43 16.77 12.47
CA PHE B 82 11.08 16.25 12.69
C PHE B 82 11.11 14.73 12.81
N ALA B 83 10.32 14.20 13.74
CA ALA B 83 10.24 12.77 13.94
C ALA B 83 9.33 12.10 12.93
N THR B 84 8.32 12.82 12.44
CA THR B 84 7.37 12.28 11.47
C THR B 84 6.97 13.38 10.50
N LEU B 85 6.48 12.95 9.34
CA LEU B 85 5.94 13.90 8.38
C LEU B 85 4.76 14.67 8.97
N ALA B 86 3.96 14.01 9.81
CA ALA B 86 2.78 14.68 10.38
C ALA B 86 3.17 15.78 11.33
N GLU B 87 4.28 15.63 12.06
CA GLU B 87 4.74 16.71 12.94
C GLU B 87 5.16 17.93 12.14
N MET B 88 5.87 17.72 11.03
CA MET B 88 6.21 18.83 10.15
C MET B 88 4.91 19.48 9.63
N ALA B 89 3.98 18.66 9.16
CA ALA B 89 2.72 19.21 8.64
C ALA B 89 2.01 20.04 9.70
N THR B 90 2.00 19.58 10.96
CA THR B 90 1.35 20.31 12.04
C THR B 90 2.01 21.66 12.26
N ARG B 91 3.35 21.70 12.28
CA ARG B 91 4.03 22.99 12.40
C ARG B 91 3.66 23.92 11.25
N TYR B 92 3.61 23.39 10.03
CA TYR B 92 3.31 24.25 8.87
C TYR B 92 1.87 24.73 8.91
N VAL B 93 0.94 23.89 9.40
CA VAL B 93 -0.45 24.32 9.54
C VAL B 93 -0.55 25.47 10.54
N GLU B 94 0.18 25.36 11.65
CA GLU B 94 0.20 26.46 12.60
C GLU B 94 0.68 27.74 11.94
N TRP B 95 1.75 27.66 11.15
CA TRP B 95 2.22 28.84 10.43
C TRP B 95 1.11 29.39 9.53
N VAL B 96 0.48 28.52 8.74
CA VAL B 96 -0.51 28.98 7.78
C VAL B 96 -1.66 29.68 8.50
N ARG B 97 -2.11 29.12 9.63
CA ARG B 97 -3.23 29.74 10.34
C ARG B 97 -2.83 31.08 10.93
N THR B 98 -1.57 31.21 11.38
CA THR B 98 -1.12 32.51 11.87
C THR B 98 -1.10 33.52 10.73
N THR B 99 -0.68 33.09 9.54
CA THR B 99 -0.58 34.00 8.40
C THR B 99 -1.94 34.24 7.76
N GLU B 100 -2.75 33.20 7.66
CA GLU B 100 -4.06 33.25 7.01
C GLU B 100 -5.11 32.73 7.97
N PRO B 101 -5.66 33.59 8.84
CA PRO B 101 -6.62 33.09 9.85
C PRO B 101 -7.94 32.60 9.25
N GLU B 102 -8.22 32.90 7.98
CA GLU B 102 -9.48 32.52 7.37
C GLU B 102 -9.24 31.71 6.10
N GLY B 103 -10.00 30.64 5.94
CA GLY B 103 -10.04 29.90 4.70
C GLY B 103 -10.91 30.62 3.69
N PRO B 104 -11.23 29.96 2.57
CA PRO B 104 -10.80 28.60 2.21
C PRO B 104 -9.30 28.56 1.89
N TYR B 105 -8.69 27.39 2.07
CA TYR B 105 -7.25 27.25 1.97
C TYR B 105 -6.88 26.53 0.69
N ARG B 106 -5.79 26.95 0.07
CA ARG B 106 -5.23 26.29 -1.11
C ARG B 106 -3.78 25.96 -0.80
N LEU B 107 -3.48 24.67 -0.82
CA LEU B 107 -2.21 24.12 -0.39
C LEU B 107 -1.61 23.32 -1.53
N GLY B 108 -0.27 23.27 -1.58
CA GLY B 108 0.36 22.43 -2.57
C GLY B 108 1.86 22.35 -2.35
N GLY B 109 2.51 21.68 -3.28
CA GLY B 109 3.94 21.60 -3.23
C GLY B 109 4.47 20.75 -4.35
N TRP B 110 5.73 21.00 -4.66
CA TRP B 110 6.49 20.20 -5.63
C TRP B 110 7.07 18.98 -4.94
N SER B 111 6.84 17.81 -5.51
CA SER B 111 7.49 16.58 -5.07
C SER B 111 7.19 16.37 -3.59
N PHE B 112 8.19 16.26 -2.72
CA PHE B 112 7.94 16.03 -1.29
C PHE B 112 6.95 17.04 -0.72
N GLY B 113 7.05 18.30 -1.14
CA GLY B 113 6.16 19.33 -0.58
C GLY B 113 4.69 19.03 -0.80
N GLY B 114 4.38 18.44 -1.95
CA GLY B 114 3.01 18.03 -2.21
C GLY B 114 2.50 17.03 -1.19
N VAL B 115 3.34 16.04 -0.88
CA VAL B 115 2.94 15.04 0.12
C VAL B 115 2.69 15.74 1.45
N VAL B 116 3.57 16.69 1.82
CA VAL B 116 3.36 17.40 3.06
C VAL B 116 2.05 18.15 2.99
N ALA B 117 1.78 18.75 1.83
CA ALA B 117 0.56 19.53 1.68
C ALA B 117 -0.67 18.64 1.91
N LEU B 118 -0.61 17.40 1.41
CA LEU B 118 -1.74 16.50 1.60
C LEU B 118 -1.99 16.28 3.08
N GLU B 119 -0.93 15.97 3.85
CA GLU B 119 -1.12 15.81 5.29
C GLU B 119 -1.66 17.10 5.91
N MET B 120 -1.15 18.26 5.46
CA MET B 120 -1.67 19.50 5.99
C MET B 120 -3.16 19.59 5.70
N ALA B 121 -3.54 19.32 4.46
CA ALA B 121 -4.94 19.38 4.10
C ALA B 121 -5.76 18.46 4.99
N SER B 122 -5.27 17.25 5.17
CA SER B 122 -5.95 16.28 6.01
C SER B 122 -6.17 16.85 7.40
N GLN B 123 -5.10 17.33 8.03
CA GLN B 123 -5.24 17.86 9.38
C GLN B 123 -6.20 19.04 9.40
N MET B 124 -6.09 19.93 8.40
CA MET B 124 -6.94 21.11 8.43
C MET B 124 -8.40 20.74 8.23
N THR B 125 -8.67 19.71 7.44
CA THR B 125 -10.08 19.36 7.25
C THR B 125 -10.63 18.71 8.54
N ALA B 126 -9.76 18.00 9.28
CA ALA B 126 -10.23 17.40 10.52
C ALA B 126 -10.56 18.48 11.54
N HIS B 127 -9.91 19.63 11.44
CA HIS B 127 -10.17 20.75 12.34
C HIS B 127 -11.37 21.58 11.90
N GLY B 128 -11.97 21.27 10.76
CA GLY B 128 -13.11 22.02 10.28
C GLY B 128 -12.81 23.09 9.26
N ASP B 129 -11.55 23.25 8.83
CA ASP B 129 -11.23 24.25 7.81
C ASP B 129 -11.66 23.73 6.44
N GLU B 130 -11.97 24.65 5.55
CA GLU B 130 -12.26 24.31 4.17
C GLU B 130 -10.95 24.37 3.38
N VAL B 131 -10.61 23.28 2.69
CA VAL B 131 -9.48 23.23 1.78
C VAL B 131 -10.07 23.08 0.38
N SER B 132 -10.04 24.16 -0.39
CA SER B 132 -10.67 24.13 -1.71
C SER B 132 -9.77 23.53 -2.78
N ASP B 133 -8.45 23.55 -2.60
CA ASP B 133 -7.55 23.04 -3.63
C ASP B 133 -6.29 22.48 -2.99
N LEU B 134 -5.92 21.28 -3.42
CA LEU B 134 -4.69 20.61 -3.03
C LEU B 134 -3.92 20.34 -4.32
N LEU B 135 -2.75 20.96 -4.45
CA LEU B 135 -1.94 20.85 -5.66
C LEU B 135 -0.68 20.02 -5.41
N LEU B 136 -0.62 18.86 -6.05
CA LEU B 136 0.54 17.99 -5.99
C LEU B 136 1.27 18.14 -7.31
N VAL B 137 2.38 18.86 -7.29
CA VAL B 137 3.15 19.11 -8.51
C VAL B 137 4.12 17.96 -8.67
N ASP B 138 3.73 16.96 -9.47
CA ASP B 138 4.57 15.81 -9.76
C ASP B 138 5.05 15.12 -8.49
N SER B 139 4.15 14.98 -7.52
CA SER B 139 4.49 14.32 -6.28
C SER B 139 4.41 12.81 -6.44
N HIS B 140 5.35 12.11 -5.81
CA HIS B 140 5.34 10.66 -5.72
C HIS B 140 5.05 10.25 -4.28
N ASN B 141 4.45 9.08 -4.13
CA ASN B 141 4.23 8.49 -2.81
C ASN B 141 5.31 7.43 -2.61
N LEU B 142 6.43 7.85 -2.00
CA LEU B 142 7.56 6.97 -1.80
C LEU B 142 7.30 5.89 -0.75
N ASN B 143 6.22 6.02 0.03
CA ASN B 143 5.85 4.98 0.99
C ASN B 143 5.51 3.69 0.28
N ALA B 144 5.11 3.75 -1.00
CA ALA B 144 4.75 2.57 -1.76
C ALA B 144 5.94 1.98 -2.51
N ALA B 145 7.14 2.54 -2.33
CA ALA B 145 8.27 2.16 -3.16
C ALA B 145 9.18 1.16 -2.44
N PRO B 146 9.78 0.23 -3.19
CA PRO B 146 10.69 -0.74 -2.55
C PRO B 146 11.98 -0.07 -2.10
N ARG B 147 12.54 -0.59 -1.02
CA ARG B 147 13.83 -0.12 -0.52
C ARG B 147 14.93 -0.64 -1.43
N THR B 148 15.48 0.25 -2.26
CA THR B 148 16.37 -0.20 -3.33
C THR B 148 17.80 -0.37 -2.85
N GLY B 149 18.47 0.73 -2.55
CA GLY B 149 19.87 0.70 -2.16
C GLY B 149 20.16 1.58 -0.95
N ASP B 150 21.41 1.86 -0.70
CA ASP B 150 21.77 2.65 0.46
C ASP B 150 21.16 4.04 0.33
N PRO B 151 20.46 4.54 1.35
CA PRO B 151 19.80 5.85 1.17
C PRO B 151 20.78 6.97 0.87
N ARG B 152 21.84 7.09 1.68
CA ARG B 152 22.80 8.18 1.50
C ARG B 152 23.48 8.09 0.14
N GLU B 153 23.81 6.87 -0.30
CA GLU B 153 24.48 6.73 -1.57
C GLU B 153 23.54 7.13 -2.71
N GLY B 154 22.26 6.78 -2.60
CA GLY B 154 21.33 7.20 -3.63
C GLY B 154 21.23 8.70 -3.71
N VAL B 155 21.14 9.37 -2.56
CA VAL B 155 21.03 10.83 -2.56
C VAL B 155 22.28 11.45 -3.17
N ARG B 156 23.45 10.97 -2.77
CA ARG B 156 24.70 11.49 -3.33
C ARG B 156 24.73 11.31 -4.84
N GLN B 157 24.35 10.13 -5.33
CA GLN B 157 24.37 9.88 -6.76
C GLN B 157 23.42 10.83 -7.50
N ARG B 158 22.19 10.99 -6.99
CA ARG B 158 21.24 11.85 -7.66
C ARG B 158 21.74 13.30 -7.68
N LEU B 159 22.31 13.75 -6.56
CA LEU B 159 22.85 15.11 -6.52
C LEU B 159 24.00 15.29 -7.52
N VAL B 160 24.88 14.29 -7.61
CA VAL B 160 25.95 14.37 -8.58
C VAL B 160 25.38 14.48 -10.00
N GLU B 161 24.41 13.64 -10.32
CA GLU B 161 23.79 13.70 -11.64
C GLU B 161 23.17 15.06 -11.90
N LEU B 162 22.71 15.75 -10.86
CA LEU B 162 22.15 17.07 -10.98
C LEU B 162 23.18 18.19 -10.89
N GLY B 163 24.47 17.87 -10.92
CA GLY B 163 25.48 18.90 -10.88
C GLY B 163 25.70 19.54 -9.53
N VAL B 164 25.39 18.85 -8.44
CA VAL B 164 25.61 19.37 -7.10
C VAL B 164 26.75 18.58 -6.45
N ASP B 165 27.62 19.28 -5.74
CA ASP B 165 28.74 18.64 -5.06
C ASP B 165 28.28 18.18 -3.68
N PRO B 166 28.11 16.87 -3.45
CA PRO B 166 27.56 16.42 -2.17
C PRO B 166 28.48 16.62 -0.98
N ASP B 167 29.72 16.98 -1.18
CA ASP B 167 30.68 17.10 -0.08
C ASP B 167 31.07 18.53 0.24
N SER B 168 30.57 19.50 -0.52
CA SER B 168 30.72 20.89 -0.15
C SER B 168 29.84 21.17 1.05
N PRO B 169 30.02 22.31 1.71
CA PRO B 169 29.15 22.63 2.85
C PRO B 169 27.67 22.73 2.47
N GLU B 170 27.36 23.47 1.41
CA GLU B 170 25.98 23.53 0.92
C GLU B 170 25.50 22.13 0.53
N GLY B 171 26.35 21.39 -0.18
CA GLY B 171 25.95 20.06 -0.59
C GLY B 171 25.67 19.16 0.59
N VAL B 172 26.46 19.28 1.66
CA VAL B 172 26.21 18.50 2.88
C VAL B 172 24.84 18.84 3.44
N ASP B 173 24.51 20.14 3.52
CA ASP B 173 23.17 20.51 3.99
C ASP B 173 22.08 19.86 3.13
N VAL B 174 22.24 19.88 1.81
CA VAL B 174 21.23 19.35 0.90
C VAL B 174 21.14 17.83 1.01
N VAL B 175 22.28 17.15 1.16
CA VAL B 175 22.27 15.70 1.35
C VAL B 175 21.47 15.34 2.59
N GLU B 176 21.75 16.03 3.70
CA GLU B 176 21.06 15.73 4.94
C GLU B 176 19.57 16.02 4.81
N GLU B 177 19.23 17.12 4.14
CA GLU B 177 17.82 17.46 3.92
C GLU B 177 17.10 16.39 3.12
N LEU B 178 17.71 15.97 2.01
CA LEU B 178 17.09 14.97 1.16
C LEU B 178 16.95 13.64 1.88
N LEU B 179 17.92 13.29 2.70
CA LEU B 179 17.88 12.04 3.46
C LEU B 179 16.76 12.07 4.47
N HIS B 180 16.67 13.14 5.26
CA HIS B 180 15.62 13.21 6.27
C HIS B 180 14.22 13.33 5.66
N ASN B 181 14.05 14.17 4.64
CA ASN B 181 12.72 14.33 4.06
C ASN B 181 12.31 13.08 3.30
N GLY B 182 13.26 12.42 2.60
CA GLY B 182 12.94 11.16 1.96
C GLY B 182 12.52 10.12 2.96
N ALA B 183 13.19 10.05 4.12
CA ALA B 183 12.84 9.05 5.12
C ALA B 183 11.47 9.35 5.72
N LEU B 184 11.19 10.64 5.98
CA LEU B 184 9.85 11.01 6.46
C LEU B 184 8.77 10.60 5.46
N ALA B 185 9.01 10.86 4.17
CA ALA B 185 8.02 10.52 3.16
C ALA B 185 7.82 9.01 3.08
N ALA B 186 8.91 8.26 3.12
CA ALA B 186 8.83 6.80 3.02
C ALA B 186 8.08 6.22 4.21
N GLN B 187 8.18 6.85 5.38
CA GLN B 187 7.49 6.32 6.54
C GLN B 187 6.00 6.65 6.52
N TYR B 188 5.62 7.71 5.80
CA TYR B 188 4.29 8.27 5.85
C TYR B 188 3.39 7.59 4.83
N ALA B 189 2.32 6.97 5.31
CA ALA B 189 1.32 6.38 4.43
C ALA B 189 0.24 7.43 4.13
N PRO B 190 0.14 7.95 2.90
CA PRO B 190 -0.82 9.03 2.66
C PRO B 190 -2.23 8.50 2.89
N PRO B 191 -3.07 9.29 3.52
CA PRO B 191 -4.44 8.82 3.80
C PRO B 191 -5.34 8.99 2.59
N ALA B 192 -6.50 8.34 2.66
CA ALA B 192 -7.58 8.67 1.74
C ALA B 192 -8.01 10.11 1.97
N TYR B 193 -8.34 10.81 0.89
CA TYR B 193 -8.66 12.23 0.96
C TYR B 193 -9.74 12.51 -0.07
N ARG B 194 -10.86 13.09 0.36
CA ARG B 194 -12.04 13.26 -0.49
C ARG B 194 -12.13 14.63 -1.14
N GLY B 195 -11.36 15.60 -0.68
CA GLY B 195 -11.37 16.93 -1.28
C GLY B 195 -10.78 16.94 -2.68
N ARG B 196 -10.92 18.09 -3.33
CA ARG B 196 -10.38 18.25 -4.67
C ARG B 196 -8.87 18.20 -4.64
N VAL B 197 -8.29 17.35 -5.48
CA VAL B 197 -6.86 17.16 -5.60
C VAL B 197 -6.52 17.31 -7.08
N SER B 198 -5.49 18.11 -7.37
CA SER B 198 -4.93 18.21 -8.71
C SER B 198 -3.51 17.65 -8.67
N LEU B 199 -3.26 16.63 -9.48
CA LEU B 199 -1.94 16.05 -9.62
C LEU B 199 -1.36 16.50 -10.96
N LEU B 200 -0.35 17.36 -10.92
CA LEU B 200 0.34 17.78 -12.13
C LEU B 200 1.42 16.76 -12.43
N VAL B 201 1.41 16.19 -13.62
CA VAL B 201 2.30 15.07 -13.94
C VAL B 201 3.17 15.41 -15.17
N THR B 202 4.46 15.13 -15.06
CA THR B 202 5.34 15.13 -16.22
C THR B 202 5.07 13.88 -17.07
N PRO B 203 5.46 13.94 -18.37
CA PRO B 203 5.27 12.83 -19.31
C PRO B 203 6.24 11.65 -19.16
N THR B 204 6.47 11.23 -17.93
CA THR B 204 7.56 10.30 -17.67
C THR B 204 7.06 8.94 -17.18
N ASP B 205 6.10 8.35 -17.89
CA ASP B 205 5.34 7.22 -17.38
C ASP B 205 5.68 5.88 -18.01
N GLY B 206 6.32 5.85 -19.17
CA GLY B 206 6.45 4.58 -19.85
C GLY B 206 5.07 3.97 -20.09
N ASP B 207 5.01 2.64 -20.05
CA ASP B 207 3.75 1.94 -20.25
C ASP B 207 2.93 1.84 -18.96
N ARG B 208 2.74 2.97 -18.27
CA ARG B 208 2.07 2.94 -16.99
C ARG B 208 1.21 4.18 -16.78
N ASP B 209 0.14 4.00 -16.02
CA ASP B 209 -0.74 5.09 -15.65
C ASP B 209 -0.02 6.12 -14.77
N ALA B 210 -0.22 7.40 -15.10
CA ALA B 210 0.50 8.46 -14.42
C ALA B 210 0.19 8.51 -12.92
N VAL B 211 -1.05 8.17 -12.53
CA VAL B 211 -1.40 8.16 -11.12
C VAL B 211 -0.77 6.96 -10.41
N ARG B 212 -1.02 5.75 -10.92
CA ARG B 212 -0.46 4.55 -10.29
C ARG B 212 1.07 4.57 -10.30
N ALA B 213 1.67 5.08 -11.38
CA ALA B 213 3.12 5.07 -11.46
C ALA B 213 3.77 5.90 -10.35
N ARG B 214 3.05 6.88 -9.82
CA ARG B 214 3.55 7.73 -8.74
C ARG B 214 3.09 7.25 -7.35
N GLY B 215 2.52 6.06 -7.25
CA GLY B 215 2.17 5.48 -5.97
C GLY B 215 0.83 5.88 -5.41
N TRP B 216 -0.04 6.51 -6.20
CA TRP B 216 -1.34 6.91 -5.73
C TRP B 216 -2.40 5.90 -6.19
N ASP B 217 -3.58 6.02 -5.60
CA ASP B 217 -4.71 5.17 -5.94
C ASP B 217 -5.94 6.05 -5.96
N ARG B 218 -6.67 6.01 -7.09
CA ARG B 218 -7.84 6.87 -7.21
C ARG B 218 -8.99 6.40 -6.33
N ALA B 219 -8.95 5.15 -5.87
CA ALA B 219 -9.93 4.72 -4.89
C ALA B 219 -9.75 5.47 -3.58
N LEU B 220 -8.51 5.79 -3.23
CA LEU B 220 -8.23 6.59 -2.04
C LEU B 220 -8.40 8.08 -2.30
N LEU B 221 -8.23 8.52 -3.55
CA LEU B 221 -8.31 9.94 -3.93
C LEU B 221 -9.37 10.07 -5.01
N PRO B 222 -10.65 10.00 -4.63
CA PRO B 222 -11.72 9.96 -5.64
C PRO B 222 -11.95 11.26 -6.40
N ASP B 223 -11.67 12.42 -5.81
CA ASP B 223 -11.84 13.69 -6.54
C ASP B 223 -10.49 14.22 -7.05
N LEU B 224 -9.81 13.36 -7.81
CA LEU B 224 -8.47 13.66 -8.31
C LEU B 224 -8.53 13.96 -9.80
N VAL B 225 -7.95 15.09 -10.19
CA VAL B 225 -7.81 15.46 -11.60
C VAL B 225 -6.33 15.52 -11.94
N VAL B 226 -5.94 14.85 -13.02
CA VAL B 226 -4.58 14.81 -13.49
C VAL B 226 -4.42 15.90 -14.54
N GLU B 227 -3.46 16.79 -14.34
CA GLU B 227 -3.14 17.85 -15.29
C GLU B 227 -1.73 17.60 -15.81
N PRO B 228 -1.54 17.44 -17.12
CA PRO B 228 -0.18 17.23 -17.63
C PRO B 228 0.63 18.52 -17.59
N VAL B 229 1.94 18.36 -17.42
CA VAL B 229 2.85 19.49 -17.42
C VAL B 229 4.15 19.03 -18.07
N PRO B 230 4.68 19.75 -19.04
CA PRO B 230 5.87 19.28 -19.75
C PRO B 230 7.15 19.43 -18.93
N GLY B 231 8.15 18.68 -19.34
CA GLY B 231 9.47 18.76 -18.76
C GLY B 231 9.76 17.59 -17.84
N ALA B 232 10.98 17.58 -17.31
CA ALA B 232 11.42 16.56 -16.38
C ALA B 232 11.05 16.95 -14.95
N HIS B 233 10.82 15.93 -14.12
CA HIS B 233 10.56 16.16 -12.70
C HIS B 233 11.49 17.22 -12.13
N GLU B 234 12.78 17.12 -12.44
CA GLU B 234 13.78 18.00 -11.83
C GLU B 234 13.81 19.41 -12.40
N ARG B 235 13.23 19.65 -13.57
CA ARG B 235 13.39 20.92 -14.25
C ARG B 235 12.12 21.77 -14.28
N LEU B 236 11.11 21.40 -13.51
CA LEU B 236 9.80 22.05 -13.61
C LEU B 236 9.84 23.52 -13.23
N PHE B 237 10.79 23.94 -12.40
CA PHE B 237 10.89 25.33 -12.00
C PHE B 237 12.16 25.99 -12.53
N ASP B 238 12.82 25.36 -13.51
CA ASP B 238 13.84 26.05 -14.28
C ASP B 238 13.23 27.23 -15.03
N GLU B 239 14.07 28.22 -15.32
CA GLU B 239 13.61 29.41 -16.02
C GLU B 239 12.87 29.07 -17.31
N GLU B 240 13.36 28.08 -18.06
CA GLU B 240 12.76 27.75 -19.34
C GLU B 240 11.43 27.03 -19.21
N HIS B 241 11.12 26.48 -18.02
CA HIS B 241 9.87 25.76 -17.80
C HIS B 241 8.90 26.50 -16.91
N LEU B 242 9.31 27.60 -16.27
CA LEU B 242 8.45 28.24 -15.29
C LEU B 242 7.10 28.65 -15.86
N SER B 243 7.08 29.16 -17.10
CA SER B 243 5.82 29.65 -17.65
C SER B 243 4.83 28.50 -17.86
N ASP B 244 5.30 27.37 -18.40
CA ASP B 244 4.44 26.20 -18.55
C ASP B 244 3.92 25.71 -17.20
N THR B 245 4.80 25.65 -16.21
CA THR B 245 4.41 25.16 -14.89
C THR B 245 3.42 26.11 -14.25
N ALA B 246 3.62 27.42 -14.41
CA ALA B 246 2.67 28.39 -13.89
C ALA B 246 1.32 28.24 -14.58
N ASP B 247 1.32 28.02 -15.90
CA ASP B 247 0.05 27.82 -16.61
C ASP B 247 -0.67 26.59 -16.07
N ALA B 248 0.06 25.49 -15.85
CA ALA B 248 -0.57 24.29 -15.32
C ALA B 248 -1.12 24.53 -13.91
N ILE B 249 -0.37 25.24 -13.08
CA ILE B 249 -0.85 25.57 -11.74
C ILE B 249 -2.13 26.41 -11.84
N ARG B 250 -2.10 27.44 -12.70
CA ARG B 250 -3.26 28.31 -12.87
C ARG B 250 -4.48 27.49 -13.29
N ARG B 251 -4.30 26.59 -14.26
CA ARG B 251 -5.41 25.74 -14.72
C ARG B 251 -5.95 24.91 -13.56
N ALA B 252 -5.04 24.26 -12.81
CA ALA B 252 -5.49 23.40 -11.72
C ALA B 252 -6.29 24.18 -10.69
N LEU B 253 -5.98 25.45 -10.50
CA LEU B 253 -6.67 26.27 -9.51
C LEU B 253 -8.01 26.81 -10.04
N GLY B 254 -8.31 26.62 -11.32
CA GLY B 254 -9.52 27.14 -11.90
C GLY B 254 -9.37 28.43 -12.66
N GLY B 255 -8.19 28.73 -13.18
CA GLY B 255 -7.99 29.92 -13.97
C GLY B 255 -8.39 29.72 -15.43
N TYR C 29 11.37 -12.11 16.18
CA TYR C 29 11.70 -11.33 17.37
C TYR C 29 12.88 -10.38 17.11
N VAL C 30 13.44 -10.42 15.90
CA VAL C 30 14.43 -9.46 15.44
C VAL C 30 13.79 -8.64 14.32
N HIS C 31 13.66 -7.34 14.51
CA HIS C 31 13.11 -6.45 13.50
C HIS C 31 14.27 -5.61 12.97
N THR C 32 14.30 -5.38 11.67
CA THR C 32 15.37 -4.59 11.07
C THR C 32 14.77 -3.33 10.45
N LEU C 33 15.22 -2.18 10.95
CA LEU C 33 14.86 -0.88 10.42
C LEU C 33 15.93 -0.37 9.46
N ASN C 34 15.48 0.35 8.44
CA ASN C 34 16.38 0.82 7.38
C ASN C 34 17.23 -0.34 6.84
N PRO C 35 16.59 -1.45 6.46
CA PRO C 35 17.35 -2.66 6.09
C PRO C 35 18.25 -2.48 4.89
N GLU C 36 17.98 -1.48 4.03
CA GLU C 36 18.79 -1.28 2.84
C GLU C 36 20.00 -0.40 3.09
N ALA C 37 20.12 0.18 4.29
CA ALA C 37 21.31 0.95 4.65
C ALA C 37 22.49 0.00 4.83
N THR C 38 23.64 0.35 4.26
CA THR C 38 24.81 -0.50 4.34
C THR C 38 25.76 -0.02 5.45
N GLY C 39 26.92 -0.60 5.51
CA GLY C 39 27.85 -0.30 6.60
C GLY C 39 27.45 -1.09 7.85
N GLY C 40 27.98 -0.65 8.99
CA GLY C 40 27.74 -1.34 10.24
C GLY C 40 26.38 -1.04 10.83
N ALA C 41 25.72 -2.07 11.33
CA ALA C 41 24.42 -1.90 11.96
C ALA C 41 24.57 -1.46 13.41
N LEU C 42 23.46 -0.99 13.95
CA LEU C 42 23.31 -0.74 15.38
C LEU C 42 22.27 -1.71 15.92
N VAL C 43 22.63 -2.47 16.95
CA VAL C 43 21.74 -3.47 17.53
C VAL C 43 21.23 -2.91 18.85
N LEU C 44 19.90 -2.86 18.98
CA LEU C 44 19.26 -2.35 20.18
C LEU C 44 18.42 -3.44 20.84
N VAL C 45 18.62 -3.66 22.12
CA VAL C 45 17.85 -4.61 22.92
C VAL C 45 16.73 -3.89 23.63
N HIS C 46 15.54 -4.51 23.63
CA HIS C 46 14.32 -4.04 24.29
C HIS C 46 14.50 -3.55 25.72
N PRO C 47 13.74 -2.57 26.14
CA PRO C 47 13.76 -2.21 27.58
C PRO C 47 12.97 -3.21 28.42
N GLY C 48 12.75 -2.86 29.67
CA GLY C 48 12.20 -3.83 30.62
C GLY C 48 10.82 -4.36 30.25
N GLU C 49 10.05 -3.61 29.46
CA GLU C 49 8.73 -4.10 29.06
C GLU C 49 8.80 -5.16 27.97
N GLY C 50 9.95 -5.40 27.38
CA GLY C 50 10.21 -6.60 26.62
C GLY C 50 10.05 -6.49 25.11
N LEU C 51 9.56 -5.36 24.61
CA LEU C 51 9.31 -5.18 23.19
C LEU C 51 10.19 -4.05 22.63
N ALA C 52 10.70 -4.25 21.42
CA ALA C 52 11.50 -3.23 20.77
C ALA C 52 10.66 -2.16 20.08
N LEU C 53 9.35 -2.21 20.22
CA LEU C 53 8.47 -1.25 19.56
C LEU C 53 8.87 0.21 19.78
N PRO C 54 9.26 0.66 20.97
CA PRO C 54 9.63 2.08 21.13
C PRO C 54 10.76 2.53 20.23
N TYR C 55 11.59 1.62 19.73
CA TYR C 55 12.71 1.97 18.88
C TYR C 55 12.28 2.27 17.44
N HIS C 56 11.06 1.87 17.09
CA HIS C 56 10.65 1.94 15.68
C HIS C 56 10.70 3.38 15.18
N GLY C 57 10.36 4.33 16.02
CA GLY C 57 10.38 5.73 15.66
C GLY C 57 11.74 6.30 15.36
N LEU C 58 12.82 5.58 15.68
CA LEU C 58 14.15 6.09 15.37
C LEU C 58 14.48 6.01 13.88
N ALA C 59 13.80 5.16 13.14
CA ALA C 59 14.21 4.88 11.76
C ALA C 59 14.35 6.13 10.90
N PRO C 60 13.37 7.04 10.82
CA PRO C 60 13.55 8.23 9.99
C PRO C 60 14.49 9.27 10.59
N LEU C 61 14.77 9.21 11.88
CA LEU C 61 15.69 10.16 12.51
C LEU C 61 17.13 9.70 12.41
N LEU C 62 17.35 8.43 12.11
CA LEU C 62 18.66 7.85 11.80
C LEU C 62 18.54 7.23 10.41
N PRO C 63 18.24 8.06 9.40
CA PRO C 63 17.76 7.52 8.11
C PRO C 63 18.80 6.70 7.38
N ASP C 64 20.07 6.83 7.71
CA ASP C 64 21.12 6.08 7.03
C ASP C 64 21.79 5.08 7.95
N VAL C 65 21.12 4.64 9.01
CA VAL C 65 21.62 3.63 9.93
C VAL C 65 20.72 2.41 9.89
N ARG C 66 21.28 1.25 9.58
CA ARG C 66 20.57 -0.01 9.69
C ARG C 66 20.49 -0.43 11.16
N LEU C 67 19.28 -0.68 11.65
CA LEU C 67 19.01 -0.99 13.06
C LEU C 67 18.44 -2.38 13.18
N HIS C 68 19.05 -3.23 13.98
CA HIS C 68 18.45 -4.50 14.38
C HIS C 68 17.95 -4.33 15.81
N VAL C 69 16.65 -4.48 16.03
CA VAL C 69 16.04 -4.25 17.33
C VAL C 69 15.43 -5.57 17.80
N LEU C 70 15.81 -5.97 19.02
CA LEU C 70 15.49 -7.29 19.54
C LEU C 70 14.41 -7.21 20.63
N SER C 71 13.41 -8.09 20.53
CA SER C 71 12.38 -8.26 21.54
C SER C 71 12.60 -9.56 22.29
N ASP C 72 12.05 -9.63 23.49
CA ASP C 72 12.21 -10.83 24.35
C ASP C 72 11.41 -12.01 23.79
N PRO C 73 12.07 -13.11 23.39
CA PRO C 73 11.33 -14.25 22.82
C PRO C 73 10.42 -14.95 23.84
N ARG C 74 10.55 -14.64 25.13
CA ARG C 74 9.70 -15.21 26.17
C ARG C 74 8.57 -14.29 26.57
N PHE C 75 8.38 -13.17 25.87
CA PHE C 75 7.28 -12.26 26.15
C PHE C 75 5.96 -13.02 26.11
N GLY C 76 5.13 -12.81 27.13
CA GLY C 76 3.82 -13.44 27.17
C GLY C 76 3.80 -14.89 27.58
N GLN C 77 4.93 -15.47 27.93
CA GLN C 77 4.99 -16.86 28.34
C GLN C 77 5.20 -16.91 29.85
N SER C 78 4.54 -17.85 30.50
CA SER C 78 4.71 -18.03 31.94
C SER C 78 5.80 -19.04 32.27
N ASP C 79 6.18 -19.88 31.32
CA ASP C 79 7.16 -20.92 31.55
C ASP C 79 8.44 -20.62 30.77
N ASN C 80 9.47 -21.40 31.07
CA ASN C 80 10.76 -21.33 30.41
C ASN C 80 11.29 -19.90 30.35
N ARG C 81 11.22 -19.21 31.49
CA ARG C 81 11.84 -17.91 31.61
C ARG C 81 13.36 -18.07 31.74
N PHE C 82 14.10 -17.01 31.36
CA PHE C 82 15.55 -17.05 31.54
C PHE C 82 15.89 -17.09 33.03
N ALA C 83 16.89 -17.90 33.39
CA ALA C 83 17.28 -18.01 34.79
C ALA C 83 18.22 -16.89 35.20
N THR C 84 18.99 -16.36 34.24
CA THR C 84 19.92 -15.28 34.49
C THR C 84 19.92 -14.33 33.30
N LEU C 85 20.34 -13.09 33.55
CA LEU C 85 20.51 -12.12 32.48
C LEU C 85 21.55 -12.59 31.45
N ALA C 86 22.59 -13.27 31.90
CA ALA C 86 23.64 -13.72 30.99
C ALA C 86 23.14 -14.72 29.98
N GLU C 87 22.19 -15.57 30.35
CA GLU C 87 21.60 -16.51 29.40
C GLU C 87 20.84 -15.79 28.30
N MET C 88 20.06 -14.77 28.67
CA MET C 88 19.39 -13.94 27.67
C MET C 88 20.40 -13.30 26.73
N ALA C 89 21.45 -12.69 27.31
CA ALA C 89 22.50 -12.07 26.51
C ALA C 89 23.11 -13.06 25.54
N THR C 90 23.32 -14.31 25.99
CA THR C 90 23.93 -15.31 25.13
C THR C 90 23.05 -15.63 23.94
N ARG C 91 21.73 -15.77 24.19
CA ARG C 91 20.79 -15.99 23.09
C ARG C 91 20.84 -14.83 22.09
N TYR C 92 20.88 -13.60 22.60
CA TYR C 92 20.88 -12.45 21.70
C TYR C 92 22.19 -12.35 20.93
N VAL C 93 23.31 -12.72 21.56
CA VAL C 93 24.58 -12.73 20.85
C VAL C 93 24.52 -13.72 19.69
N GLU C 94 23.92 -14.89 19.92
CA GLU C 94 23.75 -15.84 18.82
C GLU C 94 22.99 -15.19 17.67
N TRP C 95 21.88 -14.52 17.98
CA TRP C 95 21.11 -13.85 16.94
C TRP C 95 21.99 -12.84 16.18
N VAL C 96 22.73 -12.01 16.92
CA VAL C 96 23.55 -10.98 16.31
C VAL C 96 24.57 -11.60 15.37
N ARG C 97 25.21 -12.69 15.81
CA ARG C 97 26.22 -13.32 14.98
C ARG C 97 25.63 -13.96 13.74
N THR C 98 24.43 -14.52 13.83
CA THR C 98 23.81 -15.04 12.62
C THR C 98 23.46 -13.93 11.64
N THR C 99 22.97 -12.80 12.16
CA THR C 99 22.54 -11.71 11.30
C THR C 99 23.71 -10.87 10.80
N GLU C 100 24.70 -10.61 11.65
CA GLU C 100 25.84 -9.77 11.32
C GLU C 100 27.11 -10.58 11.62
N PRO C 101 27.54 -11.41 10.67
CA PRO C 101 28.69 -12.29 10.95
C PRO C 101 30.00 -11.55 11.11
N GLU C 102 30.07 -10.28 10.72
CA GLU C 102 31.31 -9.53 10.78
C GLU C 102 31.12 -8.28 11.63
N GLY C 103 32.09 -8.01 12.51
CA GLY C 103 32.15 -6.77 13.24
C GLY C 103 32.71 -5.65 12.37
N PRO C 104 33.04 -4.51 12.99
CA PRO C 104 32.84 -4.25 14.41
C PRO C 104 31.34 -4.12 14.77
N TYR C 105 31.03 -4.37 16.03
CA TYR C 105 29.64 -4.42 16.48
C TYR C 105 29.34 -3.17 17.28
N ARG C 106 28.12 -2.67 17.12
CA ARG C 106 27.60 -1.56 17.91
C ARG C 106 26.32 -2.01 18.59
N LEU C 107 26.32 -2.00 19.91
CA LEU C 107 25.27 -2.57 20.73
C LEU C 107 24.74 -1.50 21.66
N GLY C 108 23.47 -1.62 22.02
CA GLY C 108 22.90 -0.69 22.97
C GLY C 108 21.49 -1.07 23.37
N GLY C 109 20.92 -0.24 24.22
CA GLY C 109 19.56 -0.46 24.63
C GLY C 109 19.12 0.60 25.62
N TRP C 110 17.82 0.80 25.64
CA TRP C 110 17.16 1.63 26.63
C TRP C 110 16.94 0.88 27.94
N SER C 111 17.35 1.48 29.05
CA SER C 111 17.05 0.97 30.38
C SER C 111 17.56 -0.45 30.50
N PHE C 112 16.72 -1.43 30.81
CA PHE C 112 17.15 -2.82 30.95
C PHE C 112 17.93 -3.27 29.73
N GLY C 113 17.50 -2.83 28.53
CA GLY C 113 18.19 -3.28 27.32
C GLY C 113 19.69 -2.91 27.32
N GLY C 114 20.02 -1.75 27.87
CA GLY C 114 21.40 -1.37 27.94
C GLY C 114 22.20 -2.33 28.80
N VAL C 115 21.63 -2.77 29.93
CA VAL C 115 22.32 -3.72 30.76
C VAL C 115 22.54 -5.00 29.97
N VAL C 116 21.52 -5.44 29.23
CA VAL C 116 21.71 -6.66 28.44
C VAL C 116 22.80 -6.42 27.42
N ALA C 117 22.78 -5.24 26.78
CA ALA C 117 23.78 -4.94 25.78
C ALA C 117 25.18 -5.01 26.39
N LEU C 118 25.33 -4.50 27.62
CA LEU C 118 26.66 -4.57 28.26
C LEU C 118 27.10 -6.02 28.40
N GLU C 119 26.21 -6.87 28.91
CA GLU C 119 26.57 -8.28 29.06
C GLU C 119 26.92 -8.88 27.71
N MET C 120 26.17 -8.54 26.68
CA MET C 120 26.49 -9.04 25.35
C MET C 120 27.88 -8.60 24.95
N ALA C 121 28.17 -7.31 25.14
CA ALA C 121 29.49 -6.83 24.74
C ALA C 121 30.57 -7.61 25.51
N SER C 122 30.35 -7.85 26.81
CA SER C 122 31.31 -8.59 27.59
C SER C 122 31.54 -9.94 26.94
N GLN C 123 30.45 -10.67 26.71
CA GLN C 123 30.60 -12.01 26.14
C GLN C 123 31.29 -11.92 24.79
N MET C 124 30.96 -10.92 23.99
CA MET C 124 31.51 -10.86 22.65
C MET C 124 33.00 -10.49 22.68
N THR C 125 33.41 -9.64 23.62
CA THR C 125 34.81 -9.23 23.63
C THR C 125 35.69 -10.36 24.14
N ALA C 126 35.19 -11.18 25.06
CA ALA C 126 35.95 -12.33 25.53
C ALA C 126 36.07 -13.39 24.43
N HIS C 127 35.11 -13.46 23.52
CA HIS C 127 35.15 -14.37 22.40
C HIS C 127 36.01 -13.85 21.26
N GLY C 128 36.55 -12.63 21.40
CA GLY C 128 37.41 -12.04 20.40
C GLY C 128 36.76 -11.11 19.41
N ASP C 129 35.44 -10.86 19.52
CA ASP C 129 34.81 -9.90 18.62
C ASP C 129 35.16 -8.48 19.05
N GLU C 130 35.15 -7.57 18.08
CA GLU C 130 35.34 -6.16 18.36
C GLU C 130 33.97 -5.49 18.55
N VAL C 131 33.80 -4.80 19.66
CA VAL C 131 32.63 -3.99 19.95
C VAL C 131 33.12 -2.55 20.00
N SER C 132 32.76 -1.77 18.97
CA SER C 132 33.21 -0.40 18.88
C SER C 132 32.36 0.56 19.69
N ASP C 133 31.10 0.20 19.96
CA ASP C 133 30.18 1.08 20.66
C ASP C 133 29.24 0.29 21.55
N LEU C 134 29.08 0.76 22.79
CA LEU C 134 28.08 0.25 23.70
C LEU C 134 27.26 1.46 24.12
N LEU C 135 25.97 1.45 23.80
CA LEU C 135 25.09 2.59 24.09
C LEU C 135 24.12 2.19 25.19
N LEU C 136 24.27 2.83 26.35
CA LEU C 136 23.39 2.61 27.50
C LEU C 136 22.49 3.84 27.59
N VAL C 137 21.23 3.71 27.18
CA VAL C 137 20.32 4.86 27.18
C VAL C 137 19.62 4.89 28.53
N ASP C 138 20.15 5.72 29.44
CA ASP C 138 19.59 5.94 30.76
C ASP C 138 19.40 4.63 31.52
N SER C 139 20.38 3.74 31.39
CA SER C 139 20.32 2.47 32.07
C SER C 139 20.77 2.60 33.52
N HIS C 140 20.10 1.88 34.41
CA HIS C 140 20.46 1.77 35.81
C HIS C 140 21.00 0.38 36.08
N ASN C 141 21.89 0.28 37.06
CA ASN C 141 22.39 -1.00 37.56
C ASN C 141 21.64 -1.31 38.85
N LEU C 142 20.57 -2.09 38.74
CA LEU C 142 19.75 -2.37 39.92
C LEU C 142 20.47 -3.28 40.92
N ASN C 143 21.53 -3.95 40.49
CA ASN C 143 22.34 -4.77 41.40
C ASN C 143 23.08 -3.94 42.43
N ALA C 144 23.21 -2.63 42.23
CA ALA C 144 23.98 -1.83 43.17
C ALA C 144 23.16 -1.52 44.43
N ALA C 145 21.99 -0.89 44.26
CA ALA C 145 21.21 -0.57 45.46
C ALA C 145 19.95 -1.42 45.51
N PRO C 146 19.52 -1.86 46.69
CA PRO C 146 18.25 -2.60 46.76
C PRO C 146 17.04 -1.68 46.62
N ARG C 147 15.98 -2.22 46.00
CA ARG C 147 14.73 -1.51 45.84
C ARG C 147 13.97 -1.45 47.16
N THR C 148 12.84 -0.74 47.16
CA THR C 148 12.10 -0.47 48.38
C THR C 148 10.91 -1.39 48.58
N GLY C 149 9.89 -1.28 47.72
CA GLY C 149 8.60 -1.85 48.01
C GLY C 149 8.30 -3.14 47.26
N ASP C 150 7.05 -3.54 47.33
CA ASP C 150 6.62 -4.78 46.69
C ASP C 150 6.89 -4.70 45.20
N PRO C 151 7.60 -5.67 44.62
CA PRO C 151 7.93 -5.56 43.19
C PRO C 151 6.69 -5.40 42.31
N ARG C 152 5.69 -6.26 42.53
CA ARG C 152 4.52 -6.28 41.65
C ARG C 152 3.70 -5.00 41.79
N GLU C 153 3.47 -4.55 43.03
CA GLU C 153 2.71 -3.33 43.23
C GLU C 153 3.43 -2.16 42.57
N GLY C 154 4.77 -2.13 42.66
CA GLY C 154 5.50 -1.05 42.01
C GLY C 154 5.34 -1.06 40.49
N VAL C 155 5.43 -2.25 39.89
CA VAL C 155 5.23 -2.34 38.44
C VAL C 155 3.81 -1.93 38.06
N ARG C 156 2.81 -2.43 38.80
CA ARG C 156 1.41 -2.09 38.49
C ARG C 156 1.19 -0.58 38.60
N GLN C 157 1.70 0.04 39.65
CA GLN C 157 1.53 1.46 39.86
C GLN C 157 2.15 2.23 38.72
N ARG C 158 3.38 1.87 38.34
CA ARG C 158 4.03 2.59 37.25
C ARG C 158 3.27 2.42 35.94
N LEU C 159 2.76 1.22 35.68
CA LEU C 159 2.02 1.01 34.44
C LEU C 159 0.75 1.85 34.42
N VAL C 160 0.04 1.92 35.56
CA VAL C 160 -1.16 2.75 35.63
C VAL C 160 -0.78 4.20 35.35
N GLU C 161 0.27 4.69 36.02
CA GLU C 161 0.71 6.06 35.78
C GLU C 161 1.10 6.27 34.32
N LEU C 162 1.52 5.23 33.63
CA LEU C 162 1.86 5.30 32.22
C LEU C 162 0.67 5.02 31.31
N GLY C 163 -0.55 4.96 31.86
CA GLY C 163 -1.73 4.75 31.03
C GLY C 163 -1.93 3.35 30.51
N VAL C 164 -1.39 2.34 31.20
CA VAL C 164 -1.51 0.94 30.81
C VAL C 164 -2.38 0.22 31.84
N ASP C 165 -3.28 -0.65 31.37
CA ASP C 165 -4.17 -1.39 32.24
C ASP C 165 -3.48 -2.67 32.69
N PRO C 166 -3.09 -2.79 33.96
CA PRO C 166 -2.26 -3.94 34.36
C PRO C 166 -3.00 -5.27 34.40
N ASP C 167 -4.33 -5.29 34.29
CA ASP C 167 -5.09 -6.53 34.41
C ASP C 167 -5.70 -7.02 33.11
N SER C 168 -5.55 -6.28 32.01
CA SER C 168 -5.92 -6.78 30.71
C SER C 168 -4.93 -7.87 30.31
N PRO C 169 -5.23 -8.64 29.27
CA PRO C 169 -4.28 -9.69 28.85
C PRO C 169 -2.91 -9.11 28.49
N GLU C 170 -2.88 -8.07 27.67
CA GLU C 170 -1.62 -7.42 27.34
C GLU C 170 -0.94 -6.88 28.59
N GLY C 171 -1.71 -6.23 29.45
CA GLY C 171 -1.14 -5.67 30.67
C GLY C 171 -0.52 -6.73 31.55
N VAL C 172 -1.16 -7.91 31.64
CA VAL C 172 -0.61 -9.01 32.42
C VAL C 172 0.73 -9.44 31.84
N ASP C 173 0.81 -9.57 30.50
CA ASP C 173 2.09 -9.91 29.87
C ASP C 173 3.17 -8.90 30.24
N VAL C 174 2.81 -7.61 30.21
CA VAL C 174 3.79 -6.56 30.50
C VAL C 174 4.21 -6.59 31.97
N VAL C 175 3.26 -6.81 32.88
CA VAL C 175 3.59 -6.94 34.30
C VAL C 175 4.60 -8.07 34.52
N GLU C 176 4.33 -9.24 33.95
CA GLU C 176 5.23 -10.37 34.14
C GLU C 176 6.60 -10.07 33.54
N GLU C 177 6.62 -9.44 32.37
CA GLU C 177 7.87 -9.08 31.73
C GLU C 177 8.70 -8.15 32.59
N LEU C 178 8.09 -7.07 33.09
CA LEU C 178 8.79 -6.09 33.93
C LEU C 178 9.28 -6.75 35.23
N LEU C 179 8.49 -7.66 35.80
CA LEU C 179 8.93 -8.31 37.02
C LEU C 179 10.15 -9.18 36.77
N HIS C 180 10.10 -10.01 35.74
CA HIS C 180 11.19 -10.93 35.45
C HIS C 180 12.46 -10.17 35.03
N ASN C 181 12.32 -9.16 34.19
CA ASN C 181 13.51 -8.44 33.74
C ASN C 181 14.11 -7.63 34.87
N GLY C 182 13.29 -6.97 35.69
CA GLY C 182 13.83 -6.27 36.83
C GLY C 182 14.58 -7.21 37.78
N ALA C 183 14.04 -8.42 38.01
CA ALA C 183 14.70 -9.36 38.90
C ALA C 183 16.01 -9.87 38.30
N LEU C 184 16.03 -10.14 36.99
CA LEU C 184 17.28 -10.52 36.34
C LEU C 184 18.32 -9.41 36.49
N ALA C 185 17.92 -8.17 36.30
CA ALA C 185 18.84 -7.05 36.41
C ALA C 185 19.34 -6.91 37.85
N ALA C 186 18.44 -7.09 38.82
CA ALA C 186 18.85 -6.95 40.21
C ALA C 186 19.85 -8.04 40.60
N GLN C 187 19.73 -9.22 39.99
CA GLN C 187 20.64 -10.32 40.29
C GLN C 187 21.99 -10.18 39.56
N TYR C 188 22.07 -9.38 38.50
CA TYR C 188 23.20 -9.36 37.61
C TYR C 188 24.29 -8.41 38.13
N ALA C 189 25.47 -8.95 38.39
CA ALA C 189 26.62 -8.14 38.79
C ALA C 189 27.39 -7.73 37.55
N PRO C 190 27.39 -6.46 37.15
CA PRO C 190 28.02 -6.07 35.87
C PRO C 190 29.52 -6.35 35.91
N PRO C 191 30.10 -6.82 34.82
CA PRO C 191 31.55 -7.05 34.79
C PRO C 191 32.31 -5.78 34.47
N ALA C 192 33.61 -5.82 34.74
CA ALA C 192 34.48 -4.76 34.22
C ALA C 192 34.48 -4.85 32.71
N TYR C 193 34.39 -3.70 32.04
CA TYR C 193 34.31 -3.67 30.59
C TYR C 193 35.13 -2.50 30.10
N ARG C 194 36.10 -2.79 29.24
CA ARG C 194 37.11 -1.81 28.83
C ARG C 194 36.78 -1.10 27.54
N GLY C 195 35.82 -1.60 26.77
CA GLY C 195 35.47 -0.94 25.53
C GLY C 195 34.84 0.42 25.77
N ARG C 196 34.67 1.16 24.69
CA ARG C 196 34.04 2.46 24.78
C ARG C 196 32.55 2.31 25.11
N VAL C 197 32.10 3.06 26.10
CA VAL C 197 30.73 3.01 26.56
C VAL C 197 30.19 4.42 26.59
N SER C 198 28.99 4.62 26.04
CA SER C 198 28.30 5.89 26.12
C SER C 198 27.07 5.71 26.98
N LEU C 199 27.00 6.43 28.08
CA LEU C 199 25.83 6.43 28.96
C LEU C 199 25.06 7.72 28.72
N LEU C 200 23.86 7.60 28.14
CA LEU C 200 22.97 8.74 27.96
C LEU C 200 22.17 8.88 29.24
N VAL C 201 22.17 10.08 29.83
CA VAL C 201 21.53 10.27 31.13
C VAL C 201 20.50 11.38 31.04
N THR C 202 19.29 11.09 31.55
CA THR C 202 18.27 12.08 31.83
C THR C 202 18.73 12.90 33.03
N PRO C 203 18.06 14.01 33.36
CA PRO C 203 18.49 14.79 34.51
C PRO C 203 18.46 13.95 35.78
N THR C 204 19.40 14.24 36.67
CA THR C 204 19.68 13.37 37.80
C THR C 204 19.29 13.99 39.13
N ARG C 208 23.50 14.98 42.23
CA ARG C 208 24.27 13.75 42.39
C ARG C 208 25.01 13.40 41.11
N ASP C 209 26.12 12.67 41.26
CA ASP C 209 26.88 12.22 40.09
C ASP C 209 26.02 11.30 39.23
N ALA C 210 25.94 11.62 37.93
CA ALA C 210 25.02 10.93 37.05
C ALA C 210 25.40 9.47 36.84
N VAL C 211 26.71 9.15 36.87
CA VAL C 211 27.14 7.76 36.74
C VAL C 211 26.83 6.97 38.00
N ARG C 212 27.32 7.45 39.14
CA ARG C 212 27.13 6.73 40.40
C ARG C 212 25.66 6.63 40.76
N ALA C 213 24.88 7.70 40.47
CA ALA C 213 23.47 7.69 40.84
C ALA C 213 22.70 6.57 40.14
N ARG C 214 23.21 6.09 39.01
CA ARG C 214 22.59 4.97 38.31
C ARG C 214 23.24 3.64 38.67
N GLY C 215 24.10 3.63 39.68
CA GLY C 215 24.72 2.40 40.15
C GLY C 215 25.94 1.95 39.38
N TRP C 216 26.49 2.78 38.51
CA TRP C 216 27.67 2.42 37.73
C TRP C 216 28.91 3.00 38.39
N ASP C 217 30.07 2.52 37.95
CA ASP C 217 31.36 3.02 38.43
C ASP C 217 32.35 3.07 37.28
N ARG C 218 33.12 4.17 37.21
CA ARG C 218 34.10 4.30 36.15
C ARG C 218 35.30 3.38 36.34
N ALA C 219 35.46 2.81 37.53
CA ALA C 219 36.49 1.78 37.71
C ALA C 219 36.12 0.50 36.95
N LEU C 220 34.83 0.17 36.90
CA LEU C 220 34.39 -0.95 36.08
C LEU C 220 34.26 -0.55 34.62
N LEU C 221 33.96 0.73 34.35
CA LEU C 221 33.76 1.24 32.99
C LEU C 221 34.70 2.41 32.78
N PRO C 222 35.99 2.12 32.54
CA PRO C 222 36.99 3.22 32.46
C PRO C 222 36.87 4.07 31.21
N ASP C 223 36.42 3.53 30.08
CA ASP C 223 36.25 4.30 28.85
C ASP C 223 34.78 4.68 28.63
N LEU C 224 34.25 5.40 29.62
CA LEU C 224 32.84 5.78 29.67
C LEU C 224 32.71 7.27 29.42
N VAL C 225 31.80 7.63 28.52
CA VAL C 225 31.44 9.03 28.27
C VAL C 225 29.95 9.21 28.59
N VAL C 226 29.65 10.27 29.35
CA VAL C 226 28.28 10.60 29.73
C VAL C 226 27.76 11.66 28.77
N GLU C 227 26.61 11.37 28.14
CA GLU C 227 25.94 12.32 27.24
C GLU C 227 24.61 12.71 27.86
N PRO C 228 24.32 14.00 28.05
CA PRO C 228 23.00 14.38 28.56
C PRO C 228 21.92 14.17 27.50
N VAL C 229 20.71 13.86 27.97
CA VAL C 229 19.54 13.70 27.10
C VAL C 229 18.33 14.20 27.87
N PRO C 230 17.54 15.12 27.32
CA PRO C 230 16.43 15.70 28.09
C PRO C 230 15.23 14.78 28.20
N GLY C 231 14.40 15.07 29.18
CA GLY C 231 13.14 14.38 29.39
C GLY C 231 13.20 13.38 30.53
N ALA C 232 12.07 12.75 30.79
CA ALA C 232 11.97 11.75 31.84
C ALA C 232 12.39 10.40 31.30
N HIS C 233 12.95 9.57 32.19
CA HIS C 233 13.33 8.21 31.85
C HIS C 233 12.25 7.49 31.03
N GLU C 234 11.00 7.55 31.48
CA GLU C 234 9.94 6.76 30.86
C GLU C 234 9.49 7.31 29.52
N ARG C 235 9.80 8.57 29.22
CA ARG C 235 9.25 9.25 28.04
C ARG C 235 10.29 9.48 26.94
N LEU C 236 11.48 8.85 27.03
CA LEU C 236 12.56 9.15 26.11
C LEU C 236 12.20 8.79 24.67
N PHE C 237 11.31 7.84 24.46
CA PHE C 237 10.95 7.42 23.11
C PHE C 237 9.51 7.78 22.75
N ASP C 238 8.90 8.70 23.50
CA ASP C 238 7.66 9.32 23.07
C ASP C 238 7.89 10.11 21.79
N GLU C 239 6.82 10.33 21.03
CA GLU C 239 6.92 11.11 19.81
C GLU C 239 7.56 12.47 20.09
N GLU C 240 7.24 13.06 21.25
CA GLU C 240 7.70 14.41 21.55
C GLU C 240 9.18 14.46 21.96
N HIS C 241 9.77 13.34 22.37
CA HIS C 241 11.17 13.32 22.79
C HIS C 241 12.07 12.57 21.83
N LEU C 242 11.49 11.87 20.85
CA LEU C 242 12.27 10.98 19.99
C LEU C 242 13.43 11.71 19.31
N SER C 243 13.21 12.95 18.88
CA SER C 243 14.24 13.66 18.15
C SER C 243 15.45 13.99 19.02
N ASP C 244 15.20 14.47 20.25
CA ASP C 244 16.30 14.73 21.18
C ASP C 244 17.06 13.45 21.49
N THR C 245 16.33 12.34 21.67
CA THR C 245 16.98 11.07 22.00
C THR C 245 17.81 10.56 20.83
N ALA C 246 17.29 10.68 19.62
CA ALA C 246 18.05 10.32 18.43
C ALA C 246 19.30 11.19 18.29
N ASP C 247 19.17 12.48 18.60
CA ASP C 247 20.33 13.37 18.58
C ASP C 247 21.39 12.89 19.57
N ALA C 248 20.96 12.55 20.79
CA ALA C 248 21.91 12.09 21.79
C ALA C 248 22.57 10.79 21.35
N ILE C 249 21.80 9.89 20.75
CA ILE C 249 22.35 8.63 20.25
C ILE C 249 23.40 8.90 19.18
N ARG C 250 23.06 9.77 18.22
CA ARG C 250 23.99 10.12 17.14
C ARG C 250 25.28 10.70 17.69
N ARG C 251 25.17 11.65 18.63
CA ARG C 251 26.36 12.21 19.27
C ARG C 251 27.19 11.11 19.92
N ALA C 252 26.55 10.24 20.72
CA ALA C 252 27.27 9.18 21.40
C ALA C 252 27.96 8.25 20.42
N LEU C 253 27.38 8.07 19.22
CA LEU C 253 27.98 7.21 18.21
C LEU C 253 29.07 7.92 17.42
N GLY C 254 29.20 9.24 17.54
CA GLY C 254 30.15 9.99 16.75
C GLY C 254 29.69 11.38 16.36
N GLY C 255 28.50 11.47 15.75
CA GLY C 255 27.99 12.73 15.23
C GLY C 255 28.21 13.93 16.12
N TYR D 29 -36.83 -12.50 -28.70
CA TYR D 29 -36.52 -11.73 -27.49
C TYR D 29 -35.43 -10.69 -27.75
N VAL D 30 -34.89 -10.69 -28.97
CA VAL D 30 -33.95 -9.68 -29.42
C VAL D 30 -34.58 -8.89 -30.57
N HIS D 31 -34.79 -7.59 -30.38
CA HIS D 31 -35.27 -6.72 -31.45
C HIS D 31 -34.15 -5.75 -31.85
N THR D 32 -34.07 -5.46 -33.15
CA THR D 32 -33.02 -4.60 -33.68
C THR D 32 -33.65 -3.32 -34.18
N LEU D 33 -33.21 -2.20 -33.62
CA LEU D 33 -33.59 -0.87 -34.04
C LEU D 33 -32.53 -0.35 -34.99
N ASN D 34 -32.94 0.45 -35.97
CA ASN D 34 -32.06 0.93 -37.04
C ASN D 34 -31.34 -0.25 -37.69
N PRO D 35 -32.06 -1.28 -38.12
CA PRO D 35 -31.39 -2.51 -38.56
C PRO D 35 -30.54 -2.33 -39.82
N GLU D 36 -30.79 -1.31 -40.63
CA GLU D 36 -30.02 -1.12 -41.85
C GLU D 36 -28.75 -0.32 -41.62
N ALA D 37 -28.53 0.20 -40.40
CA ALA D 37 -27.32 0.91 -40.05
C ALA D 37 -26.17 -0.08 -39.89
N THR D 38 -25.19 -0.05 -40.78
CA THR D 38 -24.02 -0.91 -40.70
C THR D 38 -23.06 -0.53 -39.58
N GLY D 39 -21.82 -1.01 -39.65
CA GLY D 39 -20.87 -0.74 -38.59
C GLY D 39 -21.15 -1.56 -37.33
N GLY D 40 -20.56 -1.11 -36.23
CA GLY D 40 -20.69 -1.83 -34.96
C GLY D 40 -22.01 -1.49 -34.26
N ALA D 41 -22.62 -2.51 -33.67
CA ALA D 41 -23.90 -2.34 -33.01
C ALA D 41 -23.71 -1.98 -31.54
N LEU D 42 -24.78 -1.51 -30.94
CA LEU D 42 -24.86 -1.29 -29.48
C LEU D 42 -25.90 -2.25 -28.94
N VAL D 43 -25.51 -3.04 -27.94
CA VAL D 43 -26.38 -4.05 -27.35
C VAL D 43 -26.86 -3.52 -26.01
N LEU D 44 -28.18 -3.43 -25.83
CA LEU D 44 -28.77 -2.95 -24.59
C LEU D 44 -29.61 -4.06 -23.98
N VAL D 45 -29.35 -4.34 -22.71
CA VAL D 45 -30.09 -5.34 -21.96
C VAL D 45 -31.20 -4.66 -21.19
N HIS D 46 -32.40 -5.27 -21.21
CA HIS D 46 -33.58 -4.84 -20.49
C HIS D 46 -33.29 -4.47 -19.04
N PRO D 47 -34.02 -3.52 -18.48
CA PRO D 47 -33.92 -3.27 -17.03
C PRO D 47 -34.70 -4.32 -16.22
N GLY D 48 -34.93 -4.04 -14.94
CA GLY D 48 -35.47 -5.05 -14.05
C GLY D 48 -36.84 -5.57 -14.43
N GLU D 49 -37.65 -4.75 -15.10
CA GLU D 49 -38.98 -5.19 -15.50
C GLU D 49 -38.97 -6.16 -16.66
N GLY D 50 -37.82 -6.37 -17.29
CA GLY D 50 -37.64 -7.50 -18.18
C GLY D 50 -37.83 -7.23 -19.65
N LEU D 51 -38.29 -6.04 -20.02
CA LEU D 51 -38.63 -5.72 -21.40
C LEU D 51 -37.77 -4.56 -21.89
N ALA D 52 -37.28 -4.69 -23.11
CA ALA D 52 -36.46 -3.66 -23.74
C ALA D 52 -37.28 -2.54 -24.41
N LEU D 53 -38.59 -2.56 -24.28
CA LEU D 53 -39.43 -1.54 -24.91
C LEU D 53 -39.03 -0.11 -24.62
N PRO D 54 -38.65 0.28 -23.40
CA PRO D 54 -38.28 1.68 -23.16
C PRO D 54 -37.11 2.16 -24.02
N TYR D 55 -36.29 1.24 -24.55
CA TYR D 55 -35.17 1.66 -25.37
C TYR D 55 -35.59 2.05 -26.80
N HIS D 56 -36.81 1.66 -27.22
CA HIS D 56 -37.17 1.84 -28.62
C HIS D 56 -37.12 3.32 -29.01
N GLY D 57 -37.52 4.20 -28.08
CA GLY D 57 -37.47 5.63 -28.32
C GLY D 57 -36.08 6.18 -28.57
N LEU D 58 -35.02 5.41 -28.31
CA LEU D 58 -33.67 5.88 -28.61
C LEU D 58 -33.39 5.87 -30.10
N ALA D 59 -34.15 5.07 -30.88
CA ALA D 59 -33.79 4.85 -32.27
C ALA D 59 -33.61 6.15 -33.05
N PRO D 60 -34.56 7.09 -33.06
CA PRO D 60 -34.37 8.32 -33.85
C PRO D 60 -33.36 9.28 -33.25
N LEU D 61 -33.01 9.14 -31.98
CA LEU D 61 -32.01 10.00 -31.37
C LEU D 61 -30.60 9.47 -31.57
N LEU D 62 -30.47 8.20 -31.96
CA LEU D 62 -29.19 7.58 -32.33
C LEU D 62 -29.38 7.05 -33.75
N PRO D 63 -29.72 7.95 -34.70
CA PRO D 63 -30.28 7.48 -35.98
C PRO D 63 -29.34 6.66 -36.84
N ASP D 64 -28.03 6.72 -36.60
CA ASP D 64 -27.08 5.94 -37.38
C ASP D 64 -26.42 4.84 -36.54
N VAL D 65 -27.06 4.41 -35.46
CA VAL D 65 -26.55 3.31 -34.65
C VAL D 65 -27.54 2.15 -34.71
N ARG D 66 -27.07 0.98 -35.13
CA ARG D 66 -27.85 -0.25 -35.03
C ARG D 66 -27.90 -0.70 -33.56
N LEU D 67 -29.11 -0.87 -33.02
CA LEU D 67 -29.27 -1.21 -31.62
C LEU D 67 -29.91 -2.59 -31.51
N HIS D 68 -29.23 -3.51 -30.84
CA HIS D 68 -29.84 -4.79 -30.47
C HIS D 68 -30.30 -4.68 -29.02
N VAL D 69 -31.61 -4.78 -28.79
CA VAL D 69 -32.17 -4.61 -27.47
C VAL D 69 -32.79 -5.94 -27.07
N LEU D 70 -32.37 -6.44 -25.91
CA LEU D 70 -32.71 -7.78 -25.46
C LEU D 70 -33.74 -7.73 -24.32
N SER D 71 -34.78 -8.54 -24.45
CA SER D 71 -35.77 -8.76 -23.40
C SER D 71 -35.54 -10.13 -22.76
N ASP D 72 -36.06 -10.29 -21.56
CA ASP D 72 -35.88 -11.55 -20.82
C ASP D 72 -36.64 -12.67 -21.51
N PRO D 73 -35.97 -13.69 -22.04
CA PRO D 73 -36.71 -14.77 -22.73
C PRO D 73 -37.60 -15.57 -21.79
N ARG D 74 -37.46 -15.41 -20.48
CA ARG D 74 -38.30 -16.12 -19.52
C ARG D 74 -39.44 -15.27 -19.02
N PHE D 75 -39.62 -14.08 -19.62
CA PHE D 75 -40.69 -13.18 -19.20
C PHE D 75 -42.02 -13.89 -19.21
N GLY D 76 -42.78 -13.74 -18.14
CA GLY D 76 -44.09 -14.34 -18.03
C GLY D 76 -44.09 -15.82 -17.72
N GLN D 77 -42.94 -16.42 -17.48
CA GLN D 77 -42.83 -17.84 -17.17
C GLN D 77 -42.46 -18.01 -15.71
N SER D 78 -43.03 -19.03 -15.08
CA SER D 78 -42.64 -19.36 -13.71
C SER D 78 -41.55 -20.40 -13.65
N ASP D 79 -41.33 -21.15 -14.73
CA ASP D 79 -40.35 -22.22 -14.77
C ASP D 79 -39.17 -21.84 -15.67
N ASN D 80 -38.13 -22.67 -15.63
CA ASN D 80 -36.92 -22.46 -16.43
C ASN D 80 -36.38 -21.06 -16.22
N ARG D 81 -36.44 -20.57 -14.98
CA ARG D 81 -35.81 -19.29 -14.65
C ARG D 81 -34.30 -19.45 -14.48
N PHE D 82 -33.59 -18.35 -14.69
CA PHE D 82 -32.15 -18.36 -14.47
C PHE D 82 -31.83 -18.52 -13.00
N ALA D 83 -30.83 -19.35 -12.70
CA ALA D 83 -30.43 -19.54 -11.30
C ALA D 83 -29.50 -18.43 -10.84
N THR D 84 -28.75 -17.85 -11.75
CA THR D 84 -27.79 -16.81 -11.41
C THR D 84 -27.77 -15.76 -12.51
N LEU D 85 -27.32 -14.57 -12.15
CA LEU D 85 -27.11 -13.51 -13.15
C LEU D 85 -26.11 -13.95 -14.21
N ALA D 86 -25.10 -14.73 -13.82
CA ALA D 86 -24.09 -15.13 -14.78
C ALA D 86 -24.67 -16.05 -15.84
N GLU D 87 -25.61 -16.91 -15.48
CA GLU D 87 -26.25 -17.78 -16.47
C GLU D 87 -27.05 -16.97 -17.49
N MET D 88 -27.78 -15.96 -17.01
CA MET D 88 -28.50 -15.07 -17.93
C MET D 88 -27.53 -14.40 -18.88
N ALA D 89 -26.44 -13.84 -18.31
CA ALA D 89 -25.43 -13.19 -19.11
C ALA D 89 -24.85 -14.13 -20.16
N THR D 90 -24.65 -15.41 -19.79
CA THR D 90 -24.08 -16.37 -20.74
C THR D 90 -25.03 -16.61 -21.91
N ARG D 91 -26.32 -16.78 -21.61
CA ARG D 91 -27.28 -16.93 -22.69
C ARG D 91 -27.27 -15.71 -23.61
N TYR D 92 -27.23 -14.51 -23.02
CA TYR D 92 -27.26 -13.30 -23.83
C TYR D 92 -25.97 -13.15 -24.66
N VAL D 93 -24.84 -13.59 -24.11
CA VAL D 93 -23.60 -13.59 -24.87
C VAL D 93 -23.71 -14.50 -26.07
N GLU D 94 -24.27 -15.69 -25.89
CA GLU D 94 -24.50 -16.57 -27.02
C GLU D 94 -25.34 -15.88 -28.09
N TRP D 95 -26.42 -15.22 -27.68
CA TRP D 95 -27.23 -14.49 -28.66
C TRP D 95 -26.39 -13.47 -29.42
N VAL D 96 -25.62 -12.66 -28.69
CA VAL D 96 -24.84 -11.59 -29.31
C VAL D 96 -23.84 -12.18 -30.31
N ARG D 97 -23.17 -13.27 -29.91
CA ARG D 97 -22.17 -13.87 -30.79
C ARG D 97 -22.81 -14.48 -32.03
N THR D 98 -24.01 -15.03 -31.89
CA THR D 98 -24.71 -15.53 -33.08
C THR D 98 -25.06 -14.37 -34.00
N THR D 99 -25.48 -13.24 -33.44
CA THR D 99 -25.90 -12.11 -34.26
C THR D 99 -24.71 -11.28 -34.73
N GLU D 100 -23.71 -11.07 -33.87
CA GLU D 100 -22.55 -10.24 -34.17
C GLU D 100 -21.29 -11.06 -33.95
N PRO D 101 -20.85 -11.80 -34.96
CA PRO D 101 -19.69 -12.70 -34.77
C PRO D 101 -18.37 -11.99 -34.58
N GLU D 102 -18.28 -10.70 -34.87
CA GLU D 102 -17.04 -9.95 -34.78
C GLU D 102 -17.19 -8.75 -33.86
N GLY D 103 -16.18 -8.52 -33.02
CA GLY D 103 -16.08 -7.31 -32.23
C GLY D 103 -15.58 -6.17 -33.10
N PRO D 104 -15.22 -5.03 -32.48
CA PRO D 104 -15.35 -4.78 -31.03
C PRO D 104 -16.81 -4.69 -30.60
N TYR D 105 -17.08 -4.98 -29.33
CA TYR D 105 -18.45 -5.03 -28.82
C TYR D 105 -18.73 -3.84 -27.94
N ARG D 106 -19.95 -3.32 -28.04
CA ARG D 106 -20.43 -2.24 -27.17
C ARG D 106 -21.69 -2.71 -26.46
N LEU D 107 -21.63 -2.76 -25.14
CA LEU D 107 -22.69 -3.35 -24.32
C LEU D 107 -23.19 -2.33 -23.32
N GLY D 108 -24.46 -2.44 -22.95
CA GLY D 108 -24.94 -1.57 -21.89
C GLY D 108 -26.34 -1.95 -21.46
N GLY D 109 -26.85 -1.17 -20.53
CA GLY D 109 -28.22 -1.38 -20.09
C GLY D 109 -28.59 -0.40 -19.01
N TRP D 110 -29.90 -0.19 -18.90
CA TRP D 110 -30.49 0.61 -17.83
C TRP D 110 -30.69 -0.25 -16.59
N SER D 111 -30.22 0.26 -15.45
CA SER D 111 -30.52 -0.33 -14.15
C SER D 111 -30.05 -1.77 -14.17
N PHE D 112 -30.91 -2.75 -13.89
CA PHE D 112 -30.48 -4.16 -13.87
C PHE D 112 -29.74 -4.53 -15.15
N GLY D 113 -30.20 -4.02 -16.29
CA GLY D 113 -29.57 -4.39 -17.56
C GLY D 113 -28.09 -4.03 -17.61
N GLY D 114 -27.72 -2.89 -17.03
CA GLY D 114 -26.31 -2.56 -16.96
C GLY D 114 -25.52 -3.60 -16.19
N VAL D 115 -26.05 -4.07 -15.07
CA VAL D 115 -25.32 -5.08 -14.32
C VAL D 115 -25.14 -6.31 -15.18
N VAL D 116 -26.19 -6.68 -15.91
CA VAL D 116 -26.08 -7.84 -16.79
C VAL D 116 -25.02 -7.57 -17.85
N ALA D 117 -25.02 -6.37 -18.41
CA ALA D 117 -24.05 -6.06 -19.44
C ALA D 117 -22.64 -6.20 -18.87
N LEU D 118 -22.44 -5.75 -17.63
CA LEU D 118 -21.10 -5.87 -17.05
C LEU D 118 -20.69 -7.34 -17.01
N GLU D 119 -21.57 -8.21 -16.52
CA GLU D 119 -21.23 -9.63 -16.49
C GLU D 119 -20.97 -10.13 -17.90
N MET D 120 -21.78 -9.72 -18.87
CA MET D 120 -21.54 -10.14 -20.25
C MET D 120 -20.14 -9.69 -20.68
N ALA D 121 -19.80 -8.44 -20.39
CA ALA D 121 -18.50 -7.93 -20.82
C ALA D 121 -17.38 -8.77 -20.21
N SER D 122 -17.52 -9.10 -18.92
CA SER D 122 -16.52 -9.93 -18.27
C SER D 122 -16.35 -11.23 -19.05
N GLN D 123 -17.43 -11.93 -19.31
CA GLN D 123 -17.32 -13.21 -19.99
C GLN D 123 -16.72 -13.03 -21.36
N MET D 124 -17.16 -12.00 -22.08
CA MET D 124 -16.69 -11.87 -23.45
C MET D 124 -15.19 -11.55 -23.45
N THR D 125 -14.73 -10.76 -22.49
CA THR D 125 -13.33 -10.38 -22.50
C THR D 125 -12.49 -11.56 -22.07
N ALA D 126 -13.02 -12.44 -21.21
CA ALA D 126 -12.25 -13.62 -20.84
C ALA D 126 -12.11 -14.57 -22.02
N HIS D 127 -13.09 -14.56 -22.93
CA HIS D 127 -13.10 -15.39 -24.13
C HIS D 127 -12.24 -14.79 -25.25
N GLY D 128 -11.62 -13.63 -25.02
CA GLY D 128 -10.77 -13.01 -26.00
C GLY D 128 -11.42 -11.95 -26.85
N ASP D 129 -12.70 -11.65 -26.63
CA ASP D 129 -13.37 -10.59 -27.38
C ASP D 129 -12.97 -9.23 -26.86
N GLU D 130 -12.98 -8.25 -27.77
CA GLU D 130 -12.77 -6.86 -27.40
C GLU D 130 -14.12 -6.22 -27.09
N VAL D 131 -14.25 -5.65 -25.90
CA VAL D 131 -15.42 -4.85 -25.53
C VAL D 131 -14.92 -3.42 -25.36
N SER D 132 -15.24 -2.57 -26.33
CA SER D 132 -14.76 -1.20 -26.32
C SER D 132 -15.58 -0.28 -25.41
N ASP D 133 -16.82 -0.62 -25.15
CA ASP D 133 -17.67 0.27 -24.35
C ASP D 133 -18.67 -0.55 -23.54
N LEU D 134 -18.74 -0.23 -22.25
CA LEU D 134 -19.70 -0.80 -21.34
C LEU D 134 -20.45 0.38 -20.76
N LEU D 135 -21.76 0.42 -20.98
CA LEU D 135 -22.61 1.54 -20.59
C LEU D 135 -23.56 1.09 -19.49
N LEU D 136 -23.37 1.63 -18.30
CA LEU D 136 -24.23 1.36 -17.15
C LEU D 136 -25.07 2.63 -16.95
N VAL D 137 -26.34 2.56 -17.33
CA VAL D 137 -27.25 3.71 -17.24
C VAL D 137 -27.91 3.65 -15.86
N ASP D 138 -27.36 4.40 -14.92
CA ASP D 138 -27.88 4.53 -13.56
C ASP D 138 -28.08 3.16 -12.90
N SER D 139 -27.10 2.28 -13.11
CA SER D 139 -27.13 0.96 -12.51
C SER D 139 -26.61 0.98 -11.09
N HIS D 140 -27.26 0.18 -10.23
CA HIS D 140 -26.85 -0.01 -8.85
C HIS D 140 -26.31 -1.43 -8.68
N ASN D 141 -25.40 -1.58 -7.72
CA ASN D 141 -24.90 -2.89 -7.32
C ASN D 141 -25.65 -3.25 -6.04
N LEU D 142 -26.76 -3.98 -6.18
CA LEU D 142 -27.56 -4.31 -5.03
C LEU D 142 -26.88 -5.33 -4.12
N ASN D 143 -25.85 -6.02 -4.60
CA ASN D 143 -25.11 -6.92 -3.73
C ASN D 143 -24.44 -6.15 -2.61
N ALA D 144 -24.16 -4.86 -2.84
CA ALA D 144 -23.62 -3.98 -1.80
C ALA D 144 -24.72 -3.21 -1.06
N ALA D 145 -25.90 -3.10 -1.65
CA ALA D 145 -26.97 -2.27 -1.08
C ALA D 145 -28.05 -3.13 -0.43
N PRO D 151 -39.96 -3.48 0.35
CA PRO D 151 -41.22 -4.19 0.65
C PRO D 151 -42.10 -4.30 -0.60
N ARG D 152 -43.02 -5.28 -0.60
CA ARG D 152 -43.85 -5.52 -1.78
C ARG D 152 -44.78 -4.35 -2.04
N GLU D 153 -45.28 -3.70 -0.98
CA GLU D 153 -46.12 -2.53 -1.17
C GLU D 153 -45.41 -1.49 -2.04
N GLY D 154 -44.09 -1.34 -1.84
CA GLY D 154 -43.34 -0.40 -2.65
C GLY D 154 -43.30 -0.76 -4.13
N VAL D 155 -43.05 -2.03 -4.43
CA VAL D 155 -43.01 -2.45 -5.84
C VAL D 155 -44.37 -2.24 -6.50
N ARG D 156 -45.43 -2.65 -5.80
CA ARG D 156 -46.79 -2.47 -6.32
C ARG D 156 -47.09 -1.00 -6.53
N GLN D 157 -46.73 -0.16 -5.55
CA GLN D 157 -46.98 1.28 -5.65
C GLN D 157 -46.25 1.88 -6.84
N ARG D 158 -44.98 1.51 -7.02
CA ARG D 158 -44.21 2.05 -8.14
C ARG D 158 -44.86 1.65 -9.46
N LEU D 159 -45.32 0.40 -9.57
CA LEU D 159 -45.99 -0.02 -10.79
C LEU D 159 -47.27 0.78 -11.02
N VAL D 160 -48.03 1.05 -9.94
CA VAL D 160 -49.24 1.84 -10.08
C VAL D 160 -48.91 3.23 -10.61
N GLU D 161 -47.93 3.90 -9.99
CA GLU D 161 -47.56 5.25 -10.43
C GLU D 161 -47.08 5.24 -11.87
N LEU D 162 -46.53 4.13 -12.33
CA LEU D 162 -46.09 4.00 -13.72
C LEU D 162 -47.23 3.53 -14.62
N GLY D 163 -48.46 3.54 -14.13
CA GLY D 163 -49.61 3.17 -14.92
C GLY D 163 -49.80 1.71 -15.17
N VAL D 164 -49.23 0.84 -14.32
CA VAL D 164 -49.36 -0.60 -14.47
C VAL D 164 -50.22 -1.13 -13.33
N ASP D 165 -51.18 -1.99 -13.67
CA ASP D 165 -52.06 -2.61 -12.68
C ASP D 165 -51.38 -3.86 -12.14
N PRO D 166 -50.93 -3.87 -10.88
CA PRO D 166 -50.09 -4.99 -10.40
C PRO D 166 -50.83 -6.32 -10.27
N ASP D 167 -52.15 -6.37 -10.38
CA ASP D 167 -52.87 -7.62 -10.19
C ASP D 167 -53.45 -8.16 -11.49
N SER D 168 -53.30 -7.44 -12.59
CA SER D 168 -53.64 -7.96 -13.91
C SER D 168 -52.61 -8.99 -14.35
N PRO D 169 -52.90 -9.75 -15.40
CA PRO D 169 -51.92 -10.75 -15.86
C PRO D 169 -50.59 -10.11 -16.25
N GLU D 170 -50.63 -9.03 -17.03
CA GLU D 170 -49.43 -8.31 -17.38
C GLU D 170 -48.69 -7.80 -16.15
N GLY D 171 -49.42 -7.19 -15.22
CA GLY D 171 -48.79 -6.70 -14.01
C GLY D 171 -48.17 -7.81 -13.19
N VAL D 172 -48.85 -8.96 -13.12
CA VAL D 172 -48.29 -10.10 -12.39
C VAL D 172 -46.98 -10.54 -13.02
N ASP D 173 -46.96 -10.63 -14.36
CA ASP D 173 -45.72 -10.95 -15.05
C ASP D 173 -44.62 -9.96 -14.71
N VAL D 174 -44.95 -8.66 -14.69
CA VAL D 174 -43.93 -7.66 -14.42
C VAL D 174 -43.43 -7.76 -12.97
N VAL D 175 -44.35 -7.98 -12.03
CA VAL D 175 -43.95 -8.15 -10.63
C VAL D 175 -43.00 -9.33 -10.48
N GLU D 176 -43.34 -10.47 -11.09
CA GLU D 176 -42.49 -11.64 -10.97
C GLU D 176 -41.12 -11.39 -11.59
N GLU D 177 -41.10 -10.67 -12.72
CA GLU D 177 -39.83 -10.31 -13.37
C GLU D 177 -38.97 -9.47 -12.44
N LEU D 178 -39.55 -8.43 -11.86
CA LEU D 178 -38.79 -7.59 -10.94
C LEU D 178 -38.30 -8.39 -9.72
N LEU D 179 -39.10 -9.33 -9.23
CA LEU D 179 -38.65 -10.10 -8.08
C LEU D 179 -37.48 -11.00 -8.43
N HIS D 180 -37.59 -11.72 -9.54
CA HIS D 180 -36.53 -12.61 -9.94
C HIS D 180 -35.25 -11.84 -10.23
N ASN D 181 -35.34 -10.73 -10.97
CA ASN D 181 -34.14 -10.00 -11.35
C ASN D 181 -33.52 -9.29 -10.15
N GLY D 182 -34.35 -8.71 -9.26
CA GLY D 182 -33.80 -8.14 -8.04
C GLY D 182 -33.04 -9.17 -7.20
N ALA D 183 -33.57 -10.39 -7.10
CA ALA D 183 -32.88 -11.41 -6.31
C ALA D 183 -31.59 -11.87 -6.99
N LEU D 184 -31.61 -12.01 -8.33
CA LEU D 184 -30.39 -12.33 -9.06
C LEU D 184 -29.34 -11.26 -8.82
N ALA D 185 -29.74 -9.98 -8.90
CA ALA D 185 -28.81 -8.89 -8.72
C ALA D 185 -28.26 -8.88 -7.30
N ALA D 186 -29.11 -9.10 -6.31
CA ALA D 186 -28.67 -9.08 -4.92
C ALA D 186 -27.65 -10.19 -4.66
N GLN D 187 -27.76 -11.30 -5.39
CA GLN D 187 -26.80 -12.38 -5.19
C GLN D 187 -25.49 -12.16 -5.94
N TYR D 188 -25.45 -11.29 -6.93
CA TYR D 188 -24.33 -11.19 -7.85
C TYR D 188 -23.26 -10.25 -7.31
N ALA D 189 -22.04 -10.80 -7.11
CA ALA D 189 -20.89 -10.00 -6.71
C ALA D 189 -20.13 -9.58 -7.96
N PRO D 190 -20.13 -8.30 -8.34
CA PRO D 190 -19.48 -7.91 -9.60
C PRO D 190 -17.99 -8.20 -9.60
N PRO D 191 -17.44 -8.61 -10.73
CA PRO D 191 -15.99 -8.87 -10.81
C PRO D 191 -15.21 -7.59 -11.06
N ALA D 192 -13.90 -7.69 -10.87
CA ALA D 192 -13.00 -6.64 -11.36
C ALA D 192 -13.07 -6.61 -12.88
N TYR D 193 -13.09 -5.41 -13.45
CA TYR D 193 -13.24 -5.29 -14.89
C TYR D 193 -12.45 -4.08 -15.36
N ARG D 194 -11.54 -4.30 -16.32
CA ARG D 194 -10.55 -3.30 -16.71
C ARG D 194 -10.94 -2.50 -17.95
N GLY D 195 -11.95 -2.94 -18.71
CA GLY D 195 -12.34 -2.19 -19.87
C GLY D 195 -12.94 -0.86 -19.51
N ARG D 196 -13.15 -0.03 -20.53
CA ARG D 196 -13.76 1.28 -20.31
C ARG D 196 -15.20 1.09 -19.86
N VAL D 197 -15.57 1.78 -18.79
CA VAL D 197 -16.92 1.70 -18.25
C VAL D 197 -17.41 3.13 -18.14
N SER D 198 -18.62 3.39 -18.63
CA SER D 198 -19.28 4.67 -18.43
C SER D 198 -20.50 4.45 -17.55
N LEU D 199 -20.52 5.09 -16.40
CA LEU D 199 -21.64 5.04 -15.46
C LEU D 199 -22.36 6.37 -15.56
N LEU D 200 -23.58 6.35 -16.12
CA LEU D 200 -24.42 7.53 -16.15
C LEU D 200 -25.21 7.59 -14.86
N VAL D 201 -25.13 8.74 -14.18
CA VAL D 201 -25.73 8.89 -12.86
C VAL D 201 -26.74 10.03 -12.88
N THR D 202 -27.94 9.73 -12.38
CA THR D 202 -28.95 10.71 -12.07
C THR D 202 -28.50 11.47 -10.83
N PRO D 203 -29.13 12.60 -10.50
CA PRO D 203 -28.70 13.35 -9.32
C PRO D 203 -28.87 12.51 -8.06
N THR D 204 -27.91 12.64 -7.14
CA THR D 204 -27.76 11.76 -6.00
C THR D 204 -28.06 12.52 -4.72
N ASP D 205 -28.93 11.96 -3.87
CA ASP D 205 -29.33 12.62 -2.64
C ASP D 205 -29.58 11.58 -1.56
N GLY D 206 -29.31 11.97 -0.31
CA GLY D 206 -29.22 11.04 0.80
C GLY D 206 -27.85 10.44 1.01
N ASP D 207 -26.87 10.86 0.21
CA ASP D 207 -25.53 10.29 0.11
C ASP D 207 -24.96 11.05 -1.09
N ARG D 208 -23.64 11.16 -1.21
CA ARG D 208 -23.10 12.11 -2.17
C ARG D 208 -22.23 11.49 -3.26
N ASP D 209 -21.29 10.60 -2.91
CA ASP D 209 -20.49 9.98 -3.96
C ASP D 209 -21.38 9.17 -4.89
N ALA D 210 -21.37 9.51 -6.18
CA ALA D 210 -22.30 8.88 -7.11
C ALA D 210 -21.92 7.42 -7.35
N VAL D 211 -20.62 7.14 -7.37
CA VAL D 211 -20.15 5.77 -7.56
C VAL D 211 -20.42 4.94 -6.31
N ARG D 212 -19.93 5.42 -5.16
CA ARG D 212 -20.10 4.66 -3.92
C ARG D 212 -21.57 4.52 -3.55
N ALA D 213 -22.37 5.57 -3.78
CA ALA D 213 -23.77 5.54 -3.39
C ALA D 213 -24.56 4.47 -4.13
N ARG D 214 -24.07 4.04 -5.29
CA ARG D 214 -24.70 2.97 -6.06
C ARG D 214 -23.99 1.63 -5.87
N GLY D 215 -23.06 1.55 -4.93
CA GLY D 215 -22.45 0.28 -4.60
C GLY D 215 -21.31 -0.14 -5.48
N TRP D 216 -20.79 0.78 -6.29
CA TRP D 216 -19.66 0.48 -7.16
C TRP D 216 -18.37 0.94 -6.50
N ASP D 217 -17.25 0.49 -7.07
CA ASP D 217 -15.94 0.81 -6.54
C ASP D 217 -14.97 1.08 -7.68
N ARG D 218 -14.15 2.11 -7.47
CA ARG D 218 -13.18 2.51 -8.49
C ARG D 218 -12.01 1.55 -8.55
N ALA D 219 -11.78 0.78 -7.48
CA ALA D 219 -10.74 -0.24 -7.50
C ALA D 219 -11.17 -1.45 -8.34
N LEU D 220 -12.46 -1.80 -8.32
CA LEU D 220 -12.91 -2.89 -9.18
C LEU D 220 -13.06 -2.45 -10.63
N LEU D 221 -13.32 -1.17 -10.85
CA LEU D 221 -13.59 -0.60 -12.17
C LEU D 221 -12.61 0.55 -12.34
N PRO D 222 -11.35 0.26 -12.65
CA PRO D 222 -10.34 1.34 -12.69
C PRO D 222 -10.49 2.29 -13.88
N ASP D 223 -11.04 1.85 -15.00
CA ASP D 223 -11.25 2.74 -16.15
C ASP D 223 -12.71 3.19 -16.22
N LEU D 224 -13.15 3.82 -15.13
CA LEU D 224 -14.54 4.21 -14.95
C LEU D 224 -14.66 5.71 -15.14
N VAL D 225 -15.58 6.12 -16.01
CA VAL D 225 -15.93 7.52 -16.20
C VAL D 225 -17.39 7.70 -15.82
N VAL D 226 -17.67 8.71 -15.00
CA VAL D 226 -19.01 9.05 -14.57
C VAL D 226 -19.55 10.18 -15.45
N GLU D 227 -20.73 9.96 -16.05
CA GLU D 227 -21.39 10.97 -16.86
C GLU D 227 -22.69 11.38 -16.19
N PRO D 228 -22.93 12.66 -15.90
CA PRO D 228 -24.21 13.04 -15.31
C PRO D 228 -25.35 12.96 -16.32
N VAL D 229 -26.54 12.68 -15.81
CA VAL D 229 -27.74 12.65 -16.64
C VAL D 229 -28.93 13.13 -15.81
N PRO D 230 -29.73 14.07 -16.31
CA PRO D 230 -30.82 14.62 -15.50
C PRO D 230 -32.01 13.66 -15.41
N GLY D 231 -32.84 13.90 -14.40
CA GLY D 231 -34.09 13.18 -14.24
C GLY D 231 -34.04 12.15 -13.15
N ALA D 232 -35.19 11.52 -12.93
CA ALA D 232 -35.29 10.46 -11.94
C ALA D 232 -34.92 9.12 -12.57
N HIS D 233 -34.37 8.24 -11.73
CA HIS D 233 -34.02 6.88 -12.16
C HIS D 233 -35.13 6.25 -13.01
N GLU D 234 -36.38 6.35 -12.55
CA GLU D 234 -37.48 5.67 -13.21
C GLU D 234 -37.92 6.35 -14.51
N ARG D 235 -37.56 7.61 -14.72
CA ARG D 235 -38.11 8.40 -15.82
C ARG D 235 -37.08 8.67 -16.92
N LEU D 236 -35.93 7.99 -16.89
CA LEU D 236 -34.85 8.33 -17.80
C LEU D 236 -35.23 8.09 -19.25
N PHE D 237 -36.15 7.17 -19.52
CA PHE D 237 -36.58 6.84 -20.87
C PHE D 237 -38.01 7.27 -21.14
N ASP D 238 -38.55 8.17 -20.30
CA ASP D 238 -39.79 8.89 -20.64
C ASP D 238 -39.57 9.76 -21.86
N GLU D 239 -40.66 10.05 -22.57
CA GLU D 239 -40.56 10.91 -23.75
C GLU D 239 -39.90 12.24 -23.43
N GLU D 240 -40.21 12.80 -22.26
CA GLU D 240 -39.68 14.11 -21.90
C GLU D 240 -38.19 14.09 -21.53
N HIS D 241 -37.64 12.92 -21.22
CA HIS D 241 -36.24 12.82 -20.85
C HIS D 241 -35.40 12.12 -21.91
N LEU D 242 -36.02 11.53 -22.93
CA LEU D 242 -35.31 10.67 -23.87
C LEU D 242 -34.14 11.40 -24.53
N SER D 243 -34.33 12.68 -24.86
CA SER D 243 -33.27 13.40 -25.56
C SER D 243 -32.04 13.61 -24.69
N ASP D 244 -32.23 14.00 -23.43
CA ASP D 244 -31.12 14.15 -22.50
C ASP D 244 -30.39 12.83 -22.29
N THR D 245 -31.14 11.74 -22.14
CA THR D 245 -30.51 10.44 -21.89
C THR D 245 -29.72 9.99 -23.10
N ALA D 246 -30.26 10.21 -24.32
CA ALA D 246 -29.52 9.89 -25.53
C ALA D 246 -28.26 10.75 -25.61
N ASP D 247 -28.34 12.03 -25.22
CA ASP D 247 -27.15 12.88 -25.20
C ASP D 247 -26.08 12.27 -24.27
N ALA D 248 -26.49 11.85 -23.08
CA ALA D 248 -25.52 11.26 -22.15
C ALA D 248 -24.91 9.98 -22.73
N ILE D 249 -25.74 9.16 -23.38
CA ILE D 249 -25.25 7.92 -24.00
C ILE D 249 -24.23 8.23 -25.10
N ARG D 250 -24.58 9.17 -26.00
CA ARG D 250 -23.69 9.54 -27.08
C ARG D 250 -22.35 10.05 -26.54
N ARG D 251 -22.40 10.93 -25.53
CA ARG D 251 -21.17 11.39 -24.91
C ARG D 251 -20.35 10.22 -24.39
N ALA D 252 -20.99 9.31 -23.64
CA ALA D 252 -20.25 8.18 -23.09
C ALA D 252 -19.62 7.35 -24.17
N LEU D 253 -20.26 7.25 -25.34
CA LEU D 253 -19.70 6.45 -26.43
C LEU D 253 -18.75 7.20 -27.36
N GLY D 254 -18.72 8.54 -27.32
CA GLY D 254 -17.92 9.26 -28.29
C GLY D 254 -17.40 10.60 -27.84
N GLY D 255 -18.28 11.61 -27.82
CA GLY D 255 -17.90 12.96 -27.45
C GLY D 255 -16.77 13.10 -26.46
C1 GOL E . -12.85 -10.70 -9.16
O1 GOL E . -12.54 -10.10 -10.36
C2 GOL E . -11.92 -10.10 -8.06
O2 GOL E . -10.90 -9.29 -8.56
C3 GOL E . -12.91 -9.34 -7.13
O3 GOL E . -13.13 -10.17 -6.04
H11 GOL E . -12.72 -11.66 -9.20
H12 GOL E . -13.78 -10.56 -8.91
H2 GOL E . -11.44 -10.80 -7.60
HO2 GOL E . -10.46 -9.73 -9.13
H31 GOL E . -13.71 -9.12 -7.63
H32 GOL E . -12.52 -8.48 -6.89
HO3 GOL E . -13.89 -9.94 -5.71
O10 MUY F . 11.86 -5.52 -3.33
C12 MUY F . 9.91 -7.47 -5.73
C14 MUY F . 12.20 -10.02 -8.71
C17 MUY F . 12.74 -7.30 -10.30
C23 MUY F . 12.60 -4.70 -14.38
C19 MUY F . 13.61 -6.38 -11.19
C27 MUY F . 11.79 -4.83 -11.71
C05 MUY F . 10.21 -9.55 -6.89
C06 MUY F . 10.69 -8.55 -5.96
C07 MUY F . 11.90 -8.63 -5.27
C08 MUY F . 12.30 -7.62 -4.39
C09 MUY F . 11.48 -6.51 -4.18
C11 MUY F . 10.29 -6.43 -4.86
C15 MUY F . 11.65 -9.51 -10.07
C21 MUY F . 12.90 -5.57 -12.12
C22 MUY F . 13.31 -5.51 -13.46
C24 MUY F . 11.49 -3.95 -13.97
C26 MUY F . 11.07 -4.00 -12.64
C28 MUY F . 10.44 -9.12 -9.38
N13 MUY F . 10.87 -9.53 -8.17
N16 MUY F . 12.47 -8.53 -10.78
N20 MUY F . 14.34 -5.53 -10.22
O02 MUY F . 11.77 -11.47 -5.56
O04 MUY F . 10.04 -12.31 -7.16
O18 MUY F . 12.29 -6.91 -9.23
O25 MUY F . 10.82 -3.19 -14.84
O29 MUY F . 9.32 -8.61 -9.74
P03 MUY F . 10.46 -11.21 -6.22
H10 MUY F . 11.53 -5.76 -2.59
H12 MUY F . 9.10 -7.39 -6.17
H15 MUY F . 13.00 -9.56 -8.41
H14 MUY F . 12.36 -10.99 -8.69
H23 MUY F . 12.88 -4.67 -15.27
H19 MUY F . 14.25 -6.93 -11.66
H27 MUY F . 11.50 -4.87 -10.83
H05 MUY F . 9.26 -9.34 -6.97
H07 MUY F . 12.47 -9.35 -5.37
H08 MUY F . 13.11 -7.68 -3.95
H11 MUY F . 9.73 -5.70 -4.72
H16 MUY F . 11.38 -10.24 -10.64
H22 MUY F . 14.03 -6.01 -13.74
H26 MUY F . 10.33 -3.50 -12.36
H3A MUY F . 12.76 -8.80 -11.55
H29 MUY F . 13.76 -5.13 -9.69
H28 MUY F . 14.81 -4.92 -10.67
H25 MUY F . 10.77 -3.58 -15.60
H20 MUY F . 14.90 -6.04 -9.75
CA CA G . 10.38 -21.92 14.54
CA CA H . 20.72 -1.94 -19.76
C1 GOL I . -8.80 -10.44 -14.75
O1 GOL I . -9.29 -10.58 -13.45
C2 GOL I . -8.16 -9.04 -14.87
O2 GOL I . -9.01 -8.13 -15.51
C3 GOL I . -7.82 -8.60 -13.44
O3 GOL I . -9.02 -8.19 -12.86
H11 GOL I . -9.48 -10.53 -15.43
H12 GOL I . -8.12 -11.11 -14.97
HO1 GOL I . -9.59 -11.39 -13.39
H2 GOL I . -7.35 -9.09 -15.41
HO2 GOL I . -9.41 -7.67 -14.91
H31 GOL I . -7.15 -7.90 -13.48
H32 GOL I . -7.39 -9.34 -12.98
HO3 GOL I . -9.41 -8.90 -12.56
C1 GOL J . 15.42 -13.92 -4.50
O1 GOL J . 15.54 -15.14 -3.80
C2 GOL J . 14.00 -13.84 -5.11
O2 GOL J . 13.94 -12.85 -6.11
C3 GOL J . 13.68 -15.24 -5.66
O3 GOL J . 13.11 -15.07 -6.93
H11 GOL J . 16.08 -13.84 -5.20
H12 GOL J . 15.56 -13.15 -3.92
HO1 GOL J . 16.16 -15.58 -4.18
H2 GOL J . 13.37 -13.60 -4.41
HO2 GOL J . 13.14 -12.55 -6.14
H31 GOL J . 13.10 -15.70 -5.03
H32 GOL J . 14.50 -15.77 -5.68
HO3 GOL J . 13.44 -14.35 -7.25
C1 GOL K . -0.48 2.29 -4.39
O1 GOL K . -1.64 1.70 -4.92
C2 GOL K . -0.74 2.63 -2.91
O2 GOL K . -2.11 2.61 -2.58
C3 GOL K . 0.04 1.58 -2.10
O3 GOL K . 0.54 2.22 -0.94
H11 GOL K . -0.23 3.10 -4.86
H12 GOL K . 0.29 1.71 -4.45
HO1 GOL K . -2.24 1.82 -4.33
H2 GOL K . -0.43 3.53 -2.73
HO2 GOL K . -2.17 2.66 -1.75
H31 GOL K . 0.74 1.19 -2.66
H32 GOL K . -0.55 0.84 -1.90
HO3 GOL K . 1.15 1.71 -0.62
C1 GOL L . 13.91 17.65 -7.59
O1 GOL L . 15.21 17.50 -8.08
C2 GOL L . 13.97 18.75 -6.53
O2 GOL L . 12.74 19.39 -6.39
C3 GOL L . 14.38 18.05 -5.22
O3 GOL L . 13.99 18.94 -4.18
H11 GOL L . 13.56 16.83 -7.19
H12 GOL L . 13.27 17.89 -8.28
HO1 GOL L . 15.18 17.70 -8.91
H2 GOL L . 14.62 19.42 -6.78
HO2 GOL L . 12.85 20.08 -5.91
H31 GOL L . 15.34 17.88 -5.26
H32 GOL L . 13.96 17.18 -5.18
HO3 GOL L . 14.27 19.71 -4.40
O10 MUY M . 11.94 10.35 -8.51
C12 MUY M . 10.53 11.84 -5.48
C14 MUY M . 13.64 13.94 -2.80
C17 MUY M . 14.51 11.14 -1.58
C23 MUY M . 15.61 8.35 2.24
C19 MUY M . 15.60 10.18 -1.02
C27 MUY M . 14.16 8.41 -0.15
C05 MUY M . 11.18 13.63 -3.98
C06 MUY M . 11.43 12.82 -5.15
C07 MUY M . 12.52 12.97 -6.02
C08 MUY M . 12.71 12.13 -7.15
C09 MUY M . 11.77 11.15 -7.42
C11 MUY M . 10.67 11.01 -6.60
C15 MUY M . 13.47 13.37 -1.37
C21 MUY M . 15.25 9.28 0.01
C22 MUY M . 15.96 9.24 1.20
C24 MUY M . 14.52 7.50 2.05
C26 MUY M . 13.78 7.51 0.87
C28 MUY M . 12.13 13.02 -1.73
N13 MUY M . 12.17 13.55 -2.95
N16 MUY M . 14.43 12.33 -0.98
N20 MUY M . 16.06 9.41 -2.21
O02 MUY M . 12.05 15.74 -5.55
O04 MUY M . 10.99 16.35 -3.35
O18 MUY M . 13.75 10.81 -2.47
O25 MUY M . 14.14 6.64 3.05
O29 MUY M . 11.18 12.47 -1.09
P03 MUY M . 11.09 15.37 -4.49
H10 MUY M . 11.56 10.77 -9.15
H12 MUY M . 9.79 11.72 -4.94
H15 MUY M . 13.85 14.89 -2.83
H14 MUY M . 14.27 13.44 -3.34
H23 MUY M . 16.10 8.33 3.02
H19 MUY M . 16.32 10.74 -0.68
H27 MUY M . 13.68 8.41 -0.95
H05 MUY M . 10.35 13.30 -3.63
H07 MUY M . 13.16 13.62 -5.86
H08 MUY M . 13.45 12.25 -7.70
H11 MUY M . 10.02 10.36 -6.79
H16 MUY M . 13.39 14.08 -0.71
H22 MUY M . 16.69 9.81 1.33
H26 MUY M . 13.05 6.95 0.77
H3A MUY M . 14.95 12.57 -0.34
H29 MUY M . 16.94 9.48 -2.29
H28 MUY M . 15.67 9.74 -2.94
H25 MUY M . 14.61 5.93 3.01
H20 MUY M . 15.84 8.56 -2.11
CA CA N . 24.93 4.66 4.07
C1 GOL O . 14.33 9.51 -5.43
O1 GOL O . 15.12 9.16 -6.55
C2 GOL O . 13.43 8.30 -5.09
O2 GOL O . 13.42 7.36 -6.10
C3 GOL O . 13.99 7.76 -3.77
O3 GOL O . 13.27 6.58 -3.46
H11 GOL O . 13.77 10.29 -5.59
H12 GOL O . 14.87 9.74 -4.65
HO1 GOL O . 14.84 8.41 -6.81
H2 GOL O . 12.50 8.57 -4.98
HO2 GOL O . 13.39 6.59 -5.74
H31 GOL O . 13.92 8.45 -3.09
H32 GOL O . 14.94 7.61 -3.87
HO3 GOL O . 13.58 6.29 -2.72
C1 GOL P . 28.04 5.35 3.18
O1 GOL P . 26.71 5.80 2.91
C2 GOL P . 27.99 4.60 4.53
O2 GOL P . 26.89 5.02 5.33
C3 GOL P . 27.88 3.10 4.17
O3 GOL P . 26.63 2.93 3.46
H11 GOL P . 28.69 6.08 3.24
H12 GOL P . 28.39 4.75 2.49
H2 GOL P . 28.80 4.78 5.02
H31 GOL P . 27.92 2.58 4.99
H32 GOL P . 28.65 2.84 3.65
C1 GOL Q . -6.18 35.34 -6.83
O1 GOL Q . -6.57 34.12 -6.27
C2 GOL Q . -6.30 36.45 -5.77
O2 GOL Q . -6.54 37.70 -6.40
C3 GOL Q . -7.43 36.11 -4.79
O3 GOL Q . -8.65 36.45 -5.36
H11 GOL Q . -6.72 35.57 -7.60
H12 GOL Q . -5.27 35.31 -7.15
HO1 GOL Q . -6.73 33.60 -6.91
H2 GOL Q . -5.46 36.49 -5.28
HO2 GOL Q . -5.79 38.01 -6.65
H31 GOL Q . -7.26 36.58 -3.97
H32 GOL Q . -7.36 35.17 -4.57
HO3 GOL Q . -8.54 37.18 -5.78
C1 GOL R . 9.72 0.72 29.04
O1 GOL R . 10.18 -0.61 29.15
C2 GOL R . 9.62 1.29 30.47
O2 GOL R . 10.48 0.67 31.36
C3 GOL R . 9.91 2.79 30.28
O3 GOL R . 9.31 3.47 31.34
H11 GOL R . 8.84 0.77 28.61
H12 GOL R . 10.30 1.28 28.51
HO1 GOL R . 10.45 -0.69 29.95
H2 GOL R . 8.74 1.16 30.85
HO2 GOL R . 11.28 0.81 31.08
H31 GOL R . 9.59 3.07 29.41
H32 GOL R . 10.88 2.92 30.25
HO3 GOL R . 8.74 4.00 31.00
O10 MUY S . 14.33 3.75 37.65
C12 MUY S . 15.30 0.83 35.72
C14 MUY S . 11.90 -1.88 34.17
C17 MUY S . 11.69 -2.99 37.16
C23 MUY S . 11.62 -6.77 40.15
C19 MUY S . 10.90 -3.57 38.35
C27 MUY S . 12.84 -4.28 39.70
C05 MUY S . 14.28 -0.52 34.02
C06 MUY S . 14.20 0.59 34.92
C07 MUY S . 13.12 1.45 35.07
C08 MUY S . 13.15 2.52 35.97
C09 MUY S . 14.28 2.73 36.75
C11 MUY S . 15.36 1.89 36.64
C15 MUY S . 12.26 -3.26 34.76
C21 MUY S . 11.57 -4.54 39.14
C22 MUY S . 10.98 -5.79 39.37
C24 MUY S . 12.90 -6.48 40.70
C26 MUY S . 13.49 -5.26 40.49
C28 MUY S . 13.64 -2.81 34.81
N13 MUY S . 13.41 -1.62 34.33
N16 MUY S . 11.60 -3.68 36.01
N20 MUY S . 10.51 -2.43 39.21
O02 MUY S . 12.73 0.95 32.26
O04 MUY S . 13.85 -1.17 31.38
O18 MUY S . 12.37 -1.98 37.25
O25 MUY S . 13.52 -7.42 41.44
O29 MUY S . 14.72 -3.34 35.15
P03 MUY S . 13.87 -0.02 32.36
H10 MUY S . 14.02 3.43 38.36
H12 MUY S . 16.03 0.26 35.65
H15 MUY S . 11.30 -1.36 34.73
H14 MUY S . 11.56 -1.93 33.26
H23 MUY S . 11.22 -7.60 40.32
H19 MUY S . 10.07 -3.94 38.00
H27 MUY S . 13.25 -3.46 39.55
H05 MUY S . 15.21 -0.81 34.10
H07 MUY S . 12.34 1.34 34.56
H08 MUY S . 12.42 3.09 36.05
H11 MUY S . 16.12 2.01 37.16
H16 MUY S . 12.20 -3.95 34.09
H22 MUY S . 10.15 -5.98 39.01
H26 MUY S . 14.32 -5.07 40.87
H3A MUY S . 11.13 -4.39 35.93
H29 MUY S . 11.24 -1.97 39.42
H28 MUY S . 9.94 -1.91 38.76
H25 MUY S . 13.29 -7.35 42.25
H20 MUY S . 10.13 -2.74 39.95
CA CA T . 3.54 -8.93 45.58
C1 GOL U . 0.15 -8.54 45.60
O1 GOL U . 1.22 -7.96 44.86
C2 GOL U . 0.68 -9.76 46.38
O2 GOL U . 1.72 -10.43 45.72
C3 GOL U . 1.16 -9.24 47.75
O3 GOL U . 2.22 -8.35 47.52
H11 GOL U . -0.59 -8.83 45.03
H12 GOL U . -0.25 -7.92 46.24
HO1 GOL U . 1.77 -7.66 45.43
H2 GOL U . -0.05 -10.39 46.47
H31 GOL U . 1.41 -9.99 48.31
H32 GOL U . 0.41 -8.82 48.21
C1 GOL V . 27.09 4.66 11.06
O1 GOL V . 26.28 4.90 12.19
C2 GOL V . 26.21 3.93 10.03
O2 GOL V . 25.54 4.84 9.21
C3 GOL V . 27.14 3.01 9.23
O3 GOL V . 27.35 3.60 7.98
H11 GOL V . 27.86 4.11 11.26
H12 GOL V . 27.44 5.48 10.67
HO1 GOL V . 25.53 5.19 11.89
H2 GOL V . 25.52 3.42 10.49
HO2 GOL V . 25.95 4.86 8.46
H31 GOL V . 26.73 2.14 9.17
H32 GOL V . 27.95 2.88 9.74
HO3 GOL V . 27.86 3.07 7.55
O10 MUY W . -32.75 1.91 -6.68
C12 MUY W . -31.94 -0.83 -8.94
C14 MUY W . -35.60 -3.35 -10.43
C17 MUY W . -35.74 -4.72 -7.58
C23 MUY W . -35.80 -8.64 -4.82
C19 MUY W . -36.55 -5.34 -6.41
C27 MUY W . -34.63 -6.12 -5.05
C05 MUY W . -33.17 -2.10 -10.57
C06 MUY W . -33.13 -1.05 -9.58
C07 MUY W . -34.21 -0.24 -9.25
C08 MUY W . -34.09 0.76 -8.27
C09 MUY W . -32.87 0.95 -7.63
C11 MUY W . -31.80 0.15 -7.95
C15 MUY W . -35.27 -4.80 -10.01
C21 MUY W . -35.86 -6.35 -5.66
C22 MUY W . -36.45 -7.61 -5.54
C24 MUY W . -34.57 -8.39 -4.21
C26 MUY W . -33.97 -7.14 -4.31
C28 MUY W . -33.88 -4.41 -9.94
N13 MUY W . -34.09 -3.17 -10.35
N16 MUY W . -35.96 -5.25 -8.79
N20 MUY W . -36.92 -4.20 -5.54
O02 MUY W . -34.71 -0.32 -12.04
O04 MUY W . -33.81 -2.35 -13.25
O18 MUY W . -34.93 -3.82 -7.39
O25 MUY W . -33.96 -9.38 -3.52
O29 MUY W . -32.78 -5.01 -9.65
P03 MUY W . -33.63 -1.35 -12.14
H10 MUY W . -32.89 1.50 -5.96
H12 MUY W . -31.20 -1.36 -9.15
H15 MUY W . -36.01 -3.28 -11.31
H14 MUY W . -36.13 -2.87 -9.77
H23 MUY W . -36.20 -9.48 -4.74
H19 MUY W . -37.37 -5.70 -6.74
H27 MUY W . -34.22 -5.29 -5.13
H05 MUY W . -32.28 -2.47 -10.56
H07 MUY W . -35.03 -0.33 -9.67
H08 MUY W . -34.82 1.30 -8.06
H11 MUY W . -30.98 0.28 -7.53
H16 MUY W . -35.33 -5.43 -10.74
H22 MUY W . -37.27 -7.80 -5.94
H26 MUY W . -33.15 -6.97 -3.91
H3A MUY W . -36.51 -5.90 -8.92
H29 MUY W . -37.31 -4.50 -4.80
H28 MUY W . -36.18 -3.75 -5.32
H25 MUY W . -33.20 -9.55 -3.85
H20 MUY W . -37.47 -3.66 -5.98
C1 GOL X . -40.06 1.21 -15.80
O1 GOL X . -40.22 2.27 -16.73
C2 GOL X . -38.61 0.73 -15.96
O2 GOL X . -37.94 0.67 -14.73
C3 GOL X . -38.71 -0.66 -16.60
O3 GOL X . -39.36 -0.51 -17.82
H11 GOL X . -40.67 0.48 -15.96
H12 GOL X . -40.22 1.50 -14.89
HO1 GOL X . -41.02 2.55 -16.65
H2 GOL X . -38.12 1.36 -16.52
HO2 GOL X . -37.15 0.37 -14.88
H31 GOL X . -39.18 -1.25 -15.99
H32 GOL X . -37.81 -1.03 -16.68
HO3 GOL X . -39.37 -1.27 -18.18
#